data_1N7Q
#
_entry.id   1N7Q
#
_cell.length_a   84.262
_cell.length_b   101.998
_cell.length_c   103.120
_cell.angle_alpha   90.00
_cell.angle_beta   90.00
_cell.angle_gamma   90.00
#
_symmetry.space_group_name_H-M   'P 21 21 21'
#
loop_
_entity.id
_entity.type
_entity.pdbx_description
1 polymer HYALURONIDASE
2 branched 'beta-D-galactopyranuronic acid-(1-3)-2-acetamido-2-deoxy-beta-D-glucopyranose-(1-4)-beta-D-glucopyranuronic acid-(1-3)-2-acetamido-2-deoxy-beta-D-glucopyranose-(1-4)-beta-D-glucopyranuronic acid-(1-3)-2-acetamido-2-deoxy-beta-D-glucopyranose'
3 water water
#
_entity_poly.entity_id   1
_entity_poly.type   'polypeptide(L)'
_entity_poly.pdbx_seq_one_letter_code
;VKDTYTDRLDDWNGIIAGNQYYDSKNDQMAKLNQELEGKVADSLSSISSQADRIYLWEKFSNYKTSANLTATYRKLEEMA
KQVTNPSSRYYQDETVVRTVRDSMEWMHKHVYNSEKSIVGNAADYEIGTPRAINNTLSLMKEYFSDEEIKKYTDVIEKFV
PDPEHFRKTTDNPFKALGGNLVDMGRVKVIAGLLRKDDQEISSTIRSIEQVFKLVDQGEGFYQDGSYIDHTNVAYTGAYG
NVLIDGLSQLLPVIQKTKNPIDKDKMQTMYHWIDKSFAPLLVNGELMDMSRGRSISRANSEGHVAAVEVLRGIHRIADMS
EGETKQRLQSLVKTIVQSDSYYDVFKNLKTYKDISLMQSLLSDAGVASVPRTSYLSAFNKMDKTAMYNAEKGFGFGLSLF
SSRTLNYEHMNKENKRGWYTSDGMFYLYNGDLSHYSDGYWPTVNPYKMPGTTETDAKRADSDTGKVLPSAFVGTSKLDDA
NATATMDFTNWNQTLTAHKSWFMLKDKIAFLGSNIQNTSTDTAATTIDQRKLESSNPYKVYVNDKEASLTEQEKDYPETQ
SVFLESSDSKKNIGYFFFKKSSISMSKALQKGAWKDINEGQSDKEVENEFLTISQAHKQNGDSYGYMLIPNVDRATFNQM
IKELESSLIENNETLQSVYDAKQGVWGIVKYDDSVSTISNQFQVLKRGVYTIRKEGDEYKIAYYNPETQESAPDQEVFKK
L
;
_entity_poly.pdbx_strand_id   A
#
loop_
_chem_comp.id
_chem_comp.type
_chem_comp.name
_chem_comp.formula
BDP D-saccharide, beta linking 'beta-D-glucopyranuronic acid' 'C6 H10 O7'
GTR D-saccharide, beta linking 'beta-D-galactopyranuronic acid' 'C6 H10 O7'
NAG D-saccharide, beta linking 2-acetamido-2-deoxy-beta-D-glucopyranose 'C8 H15 N O6'
#
# COMPACT_ATOMS: atom_id res chain seq x y z
N VAL A 1 -21.63 -20.05 -30.96
CA VAL A 1 -20.84 -19.97 -32.26
C VAL A 1 -19.26 -19.76 -32.02
N LYS A 2 -18.46 -20.76 -32.46
CA LYS A 2 -17.07 -21.08 -31.99
C LYS A 2 -15.94 -20.74 -32.98
N ASP A 3 -15.04 -19.83 -32.60
CA ASP A 3 -14.09 -19.21 -33.52
C ASP A 3 -12.86 -18.71 -32.70
N THR A 4 -12.06 -17.72 -33.17
CA THR A 4 -10.94 -17.21 -32.36
C THR A 4 -11.29 -16.30 -31.14
N TYR A 5 -12.40 -15.57 -31.17
CA TYR A 5 -12.89 -14.84 -30.01
C TYR A 5 -13.13 -15.79 -28.83
N THR A 6 -13.87 -16.88 -29.06
CA THR A 6 -14.12 -17.84 -28.02
C THR A 6 -12.86 -18.65 -27.67
N ASP A 7 -11.90 -18.86 -28.58
CA ASP A 7 -10.61 -19.41 -28.18
C ASP A 7 -9.97 -18.50 -27.12
N ARG A 8 -10.02 -17.21 -27.35
CA ARG A 8 -9.44 -16.21 -26.43
C ARG A 8 -10.15 -16.25 -25.03
N LEU A 9 -11.47 -16.37 -25.10
CA LEU A 9 -12.30 -16.55 -23.92
C LEU A 9 -12.06 -17.85 -23.14
N ASP A 10 -11.77 -18.94 -23.85
CA ASP A 10 -11.29 -20.16 -23.21
C ASP A 10 -10.02 -19.87 -22.39
N ASP A 11 -9.10 -19.12 -22.96
CA ASP A 11 -7.88 -18.74 -22.30
C ASP A 11 -8.13 -17.87 -21.06
N TRP A 12 -9.00 -16.87 -21.18
CA TRP A 12 -9.46 -16.01 -20.06
C TRP A 12 -10.09 -16.82 -18.90
N ASN A 13 -10.93 -17.78 -19.26
CA ASN A 13 -11.57 -18.71 -18.27
C ASN A 13 -10.53 -19.44 -17.48
N GLY A 14 -9.49 -19.89 -18.17
CA GLY A 14 -8.34 -20.57 -17.56
C GLY A 14 -7.59 -19.69 -16.57
N ILE A 15 -7.60 -18.38 -16.81
CA ILE A 15 -6.97 -17.39 -15.93
C ILE A 15 -7.81 -16.94 -14.69
N ILE A 16 -9.12 -16.71 -14.90
CA ILE A 16 -9.99 -16.13 -13.89
C ILE A 16 -10.64 -17.20 -13.09
N ALA A 17 -10.67 -18.44 -13.58
CA ALA A 17 -11.20 -19.60 -12.75
C ALA A 17 -10.23 -20.79 -12.66
N GLY A 18 -9.88 -21.26 -13.87
CA GLY A 18 -8.85 -22.28 -14.07
C GLY A 18 -9.34 -23.67 -13.71
N ASN A 19 -10.64 -23.90 -13.95
CA ASN A 19 -11.24 -25.21 -13.90
C ASN A 19 -10.40 -26.29 -14.56
N GLN A 20 -9.72 -25.98 -15.69
CA GLN A 20 -8.91 -26.94 -16.49
C GLN A 20 -7.78 -27.54 -15.66
N TYR A 21 -7.28 -26.76 -14.69
CA TYR A 21 -6.18 -27.11 -13.79
C TYR A 21 -6.65 -27.76 -12.48
N TYR A 22 -7.94 -27.81 -12.21
CA TYR A 22 -8.36 -28.27 -10.92
C TYR A 22 -7.94 -29.75 -10.71
N ASP A 23 -7.46 -30.04 -9.51
CA ASP A 23 -6.98 -31.37 -9.14
C ASP A 23 -7.47 -31.55 -7.69
N SER A 24 -8.52 -32.39 -7.53
CA SER A 24 -9.13 -32.72 -6.23
C SER A 24 -8.15 -33.33 -5.23
N LYS A 25 -6.99 -33.83 -5.69
CA LYS A 25 -5.88 -34.32 -4.83
C LYS A 25 -4.98 -33.16 -4.36
N ASN A 26 -5.30 -31.96 -4.76
CA ASN A 26 -4.44 -30.90 -4.43
C ASN A 26 -5.15 -30.26 -3.23
N ASP A 27 -4.54 -30.37 -2.03
CA ASP A 27 -5.00 -29.84 -0.72
C ASP A 27 -5.45 -28.34 -0.91
N GLN A 28 -4.58 -27.50 -1.52
CA GLN A 28 -4.81 -26.00 -1.55
C GLN A 28 -5.93 -25.64 -2.61
N MET A 29 -6.01 -26.40 -3.70
CA MET A 29 -7.04 -26.16 -4.72
C MET A 29 -8.38 -26.55 -4.14
N ALA A 30 -8.38 -27.68 -3.43
CA ALA A 30 -9.58 -28.31 -2.88
C ALA A 30 -10.21 -27.40 -1.83
N LYS A 31 -9.39 -26.64 -1.16
CA LYS A 31 -9.82 -25.74 -0.14
C LYS A 31 -10.62 -24.49 -0.74
N LEU A 32 -10.11 -23.96 -1.84
CA LEU A 32 -10.70 -22.82 -2.51
C LEU A 32 -12.01 -23.29 -3.14
N ASN A 33 -12.00 -24.52 -3.67
CA ASN A 33 -13.17 -25.12 -4.32
C ASN A 33 -14.26 -25.27 -3.26
N GLN A 34 -13.82 -25.63 -2.07
CA GLN A 34 -14.72 -25.76 -0.96
C GLN A 34 -15.33 -24.39 -0.62
N GLU A 35 -14.52 -23.36 -0.64
CA GLU A 35 -15.01 -22.01 -0.35
C GLU A 35 -16.07 -21.49 -1.42
N LEU A 36 -15.85 -21.79 -2.72
CA LEU A 36 -16.84 -21.55 -3.77
C LEU A 36 -18.08 -22.43 -3.61
N GLU A 37 -17.95 -23.74 -3.39
CA GLU A 37 -19.13 -24.57 -3.00
C GLU A 37 -20.02 -23.89 -1.92
N GLY A 38 -19.41 -23.40 -0.83
CA GLY A 38 -20.22 -22.96 0.31
C GLY A 38 -20.84 -21.62 -0.03
N LYS A 39 -20.12 -20.82 -0.83
CA LYS A 39 -20.63 -19.52 -1.28
C LYS A 39 -21.85 -19.66 -2.24
N VAL A 40 -21.79 -20.63 -3.15
CA VAL A 40 -22.90 -20.96 -4.04
C VAL A 40 -24.11 -21.57 -3.32
N ALA A 41 -23.93 -22.63 -2.50
CA ALA A 41 -24.95 -22.99 -1.41
C ALA A 41 -25.57 -21.80 -0.67
N ASP A 42 -24.82 -20.83 -0.20
CA ASP A 42 -25.45 -19.74 0.55
C ASP A 42 -26.32 -18.87 -0.31
N SER A 43 -25.84 -18.54 -1.52
CA SER A 43 -26.62 -17.80 -2.53
C SER A 43 -27.86 -18.54 -2.92
N LEU A 44 -27.76 -19.85 -3.02
CA LEU A 44 -28.88 -20.66 -3.60
C LEU A 44 -30.05 -20.86 -2.56
N SER A 45 -29.70 -20.89 -1.28
CA SER A 45 -30.60 -21.13 -0.21
C SER A 45 -31.23 -19.80 0.25
N SER A 46 -30.63 -18.70 -0.21
CA SER A 46 -30.98 -17.33 0.18
C SER A 46 -31.85 -16.55 -0.83
N ILE A 47 -31.59 -16.81 -2.11
CA ILE A 47 -32.14 -16.08 -3.21
C ILE A 47 -33.65 -16.03 -3.16
N SER A 48 -34.22 -14.89 -3.56
CA SER A 48 -35.65 -14.68 -3.75
C SER A 48 -36.24 -15.50 -4.88
N SER A 49 -37.17 -16.35 -4.48
CA SER A 49 -37.86 -17.25 -5.40
C SER A 49 -39.33 -16.77 -5.60
N GLN A 50 -40.11 -17.56 -6.34
CA GLN A 50 -41.50 -17.12 -6.74
C GLN A 50 -41.73 -15.57 -7.11
N ALA A 51 -43.00 -15.19 -7.00
CA ALA A 51 -43.68 -14.35 -7.97
C ALA A 51 -43.16 -12.95 -7.91
N ASP A 52 -42.93 -12.38 -9.09
CA ASP A 52 -41.83 -11.47 -9.29
C ASP A 52 -41.61 -10.35 -8.17
N ARG A 53 -40.31 -10.15 -8.04
CA ARG A 53 -39.74 -9.73 -6.80
C ARG A 53 -39.13 -8.37 -6.97
N ILE A 54 -38.67 -7.85 -5.86
CA ILE A 54 -38.14 -6.51 -5.80
C ILE A 54 -36.63 -6.56 -5.66
N TYR A 55 -36.04 -7.72 -5.40
CA TYR A 55 -34.60 -7.93 -5.36
C TYR A 55 -34.29 -9.42 -5.55
N LEU A 56 -33.02 -9.73 -5.86
CA LEU A 56 -32.54 -11.09 -5.90
C LEU A 56 -32.08 -11.50 -4.49
N TRP A 57 -31.22 -10.69 -3.90
CA TRP A 57 -30.79 -10.98 -2.51
C TRP A 57 -31.11 -9.78 -1.59
N GLU A 58 -31.66 -10.06 -0.42
CA GLU A 58 -31.99 -9.11 0.59
C GLU A 58 -30.77 -8.35 1.21
N LYS A 59 -29.66 -9.02 1.50
CA LYS A 59 -28.46 -8.32 2.02
C LYS A 59 -27.97 -7.32 0.97
N PHE A 60 -28.35 -7.53 -0.31
CA PHE A 60 -27.97 -6.63 -1.36
C PHE A 60 -29.13 -6.11 -2.25
N SER A 61 -30.08 -5.47 -1.56
CA SER A 61 -31.37 -5.15 -2.12
C SER A 61 -31.53 -3.68 -2.51
N ASN A 62 -30.92 -2.73 -1.81
CA ASN A 62 -31.18 -1.34 -2.16
C ASN A 62 -30.36 -1.03 -3.42
N TYR A 63 -30.98 -1.06 -4.59
CA TYR A 63 -30.26 -0.89 -5.88
C TYR A 63 -29.83 0.59 -6.10
N LYS A 64 -30.07 1.49 -5.13
CA LYS A 64 -29.54 2.88 -5.08
C LYS A 64 -28.04 2.98 -4.56
N THR A 65 -27.68 2.26 -3.49
CA THR A 65 -26.27 1.86 -3.21
C THR A 65 -25.65 1.03 -4.34
N SER A 66 -24.78 1.57 -5.16
CA SER A 66 -24.31 0.79 -6.31
C SER A 66 -23.44 -0.40 -5.99
N ALA A 67 -22.90 -0.52 -4.75
CA ALA A 67 -22.07 -1.67 -4.39
C ALA A 67 -22.91 -2.97 -4.40
N ASN A 68 -24.22 -2.78 -4.24
CA ASN A 68 -25.20 -3.86 -4.36
C ASN A 68 -25.40 -4.42 -5.80
N LEU A 69 -25.13 -3.65 -6.83
CA LEU A 69 -25.12 -4.21 -8.20
C LEU A 69 -23.95 -5.18 -8.33
N THR A 70 -22.75 -4.69 -8.05
CA THR A 70 -21.61 -5.57 -8.26
C THR A 70 -21.60 -6.81 -7.39
N ALA A 71 -22.03 -6.65 -6.15
CA ALA A 71 -22.11 -7.76 -5.21
C ALA A 71 -23.08 -8.81 -5.67
N THR A 72 -24.11 -8.40 -6.40
CA THR A 72 -25.19 -9.30 -6.92
C THR A 72 -24.66 -10.09 -8.15
N TYR A 73 -24.06 -9.39 -9.07
CA TYR A 73 -23.49 -10.06 -10.20
C TYR A 73 -22.24 -10.98 -9.84
N ARG A 74 -21.47 -10.59 -8.80
CA ARG A 74 -20.37 -11.43 -8.28
C ARG A 74 -20.89 -12.73 -7.68
N LYS A 75 -22.08 -12.73 -7.09
CA LYS A 75 -22.74 -13.99 -6.73
C LYS A 75 -23.03 -14.84 -7.93
N LEU A 76 -23.44 -14.26 -9.06
CA LEU A 76 -23.64 -15.06 -10.31
C LEU A 76 -22.42 -15.64 -11.01
N GLU A 77 -21.36 -14.84 -10.99
CA GLU A 77 -20.03 -15.31 -11.36
C GLU A 77 -19.57 -16.52 -10.56
N GLU A 78 -19.75 -16.49 -9.25
CA GLU A 78 -19.43 -17.63 -8.42
C GLU A 78 -20.21 -18.83 -8.84
N MET A 79 -21.47 -18.67 -9.17
CA MET A 79 -22.27 -19.81 -9.77
C MET A 79 -21.74 -20.32 -11.11
N ALA A 80 -21.22 -19.42 -11.90
CA ALA A 80 -20.69 -19.79 -13.22
C ALA A 80 -19.34 -20.55 -13.11
N LYS A 81 -18.60 -20.27 -12.05
CA LYS A 81 -17.36 -21.01 -11.72
C LYS A 81 -17.62 -22.45 -11.27
N GLN A 82 -18.61 -22.64 -10.42
CA GLN A 82 -18.93 -23.95 -9.94
C GLN A 82 -19.65 -24.78 -11.02
N VAL A 83 -20.45 -24.10 -11.82
CA VAL A 83 -21.28 -24.76 -12.85
C VAL A 83 -20.38 -25.30 -14.01
N THR A 84 -19.25 -24.66 -14.26
CA THR A 84 -18.26 -25.17 -15.24
C THR A 84 -17.05 -25.93 -14.62
N ASN A 85 -17.14 -26.30 -13.34
CA ASN A 85 -16.16 -27.20 -12.69
C ASN A 85 -16.61 -28.63 -12.62
N PRO A 86 -16.08 -29.59 -13.43
CA PRO A 86 -16.36 -31.04 -13.26
C PRO A 86 -16.44 -31.62 -11.78
N SER A 87 -15.62 -31.14 -10.84
CA SER A 87 -15.63 -31.62 -9.45
C SER A 87 -16.61 -30.93 -8.41
N SER A 88 -17.18 -29.80 -8.82
CA SER A 88 -18.28 -29.17 -7.99
C SER A 88 -19.52 -30.05 -7.99
N ARG A 89 -20.16 -30.06 -6.86
CA ARG A 89 -21.53 -30.62 -6.83
C ARG A 89 -22.56 -29.89 -7.74
N TYR A 90 -22.21 -28.68 -8.28
CA TYR A 90 -23.15 -27.89 -9.08
C TYR A 90 -22.90 -28.01 -10.57
N TYR A 91 -21.96 -28.90 -10.92
CA TYR A 91 -21.48 -29.14 -12.25
C TYR A 91 -22.69 -29.46 -13.22
N GLN A 92 -22.89 -28.55 -14.18
CA GLN A 92 -23.99 -28.65 -15.15
C GLN A 92 -25.40 -28.83 -14.42
N ASP A 93 -25.49 -28.33 -13.15
CA ASP A 93 -26.72 -28.37 -12.43
C ASP A 93 -27.79 -27.50 -13.09
N GLU A 94 -28.97 -28.09 -13.27
CA GLU A 94 -30.08 -27.43 -14.00
C GLU A 94 -30.61 -26.22 -13.29
N THR A 95 -30.67 -26.27 -11.99
CA THR A 95 -31.17 -25.15 -11.17
C THR A 95 -30.19 -24.04 -11.34
N VAL A 96 -28.89 -24.34 -11.25
CA VAL A 96 -27.83 -23.32 -11.30
C VAL A 96 -27.73 -22.59 -12.65
N VAL A 97 -27.76 -23.34 -13.74
CA VAL A 97 -27.80 -22.78 -15.09
C VAL A 97 -29.01 -21.85 -15.28
N ARG A 98 -30.24 -22.33 -15.01
CA ARG A 98 -31.54 -21.59 -15.02
C ARG A 98 -31.40 -20.36 -14.09
N THR A 99 -30.85 -20.53 -12.93
CA THR A 99 -30.78 -19.40 -12.00
C THR A 99 -29.84 -18.29 -12.53
N VAL A 100 -28.75 -18.67 -13.16
CA VAL A 100 -27.84 -17.65 -13.66
C VAL A 100 -28.52 -16.87 -14.81
N ARG A 101 -29.10 -17.60 -15.72
CA ARG A 101 -29.83 -17.03 -16.84
C ARG A 101 -30.94 -16.07 -16.41
N ASP A 102 -31.86 -16.52 -15.55
CA ASP A 102 -33.01 -15.73 -15.12
C ASP A 102 -32.56 -14.51 -14.33
N SER A 103 -31.54 -14.72 -13.50
CA SER A 103 -30.95 -13.62 -12.74
C SER A 103 -30.30 -12.57 -13.70
N MET A 104 -29.60 -12.99 -14.77
CA MET A 104 -28.99 -11.99 -15.69
C MET A 104 -30.11 -11.13 -16.32
N GLU A 105 -31.12 -11.85 -16.82
CA GLU A 105 -32.36 -11.26 -17.39
C GLU A 105 -33.09 -10.26 -16.43
N TRP A 106 -33.37 -10.68 -15.20
CA TRP A 106 -33.99 -9.89 -14.19
C TRP A 106 -33.18 -8.61 -13.88
N MET A 107 -31.88 -8.77 -13.63
CA MET A 107 -30.99 -7.61 -13.54
C MET A 107 -31.08 -6.69 -14.74
N HIS A 108 -31.04 -7.27 -15.94
CA HIS A 108 -31.07 -6.51 -17.17
C HIS A 108 -32.37 -5.65 -17.25
N LYS A 109 -33.50 -6.28 -16.96
CA LYS A 109 -34.84 -5.74 -17.10
C LYS A 109 -35.13 -4.71 -16.00
N HIS A 110 -34.63 -4.90 -14.79
CA HIS A 110 -35.03 -4.06 -13.65
C HIS A 110 -33.96 -3.17 -13.07
N VAL A 111 -32.72 -3.61 -13.00
CA VAL A 111 -31.68 -2.87 -12.27
C VAL A 111 -30.60 -2.18 -13.18
N TYR A 112 -30.00 -2.87 -14.14
CA TYR A 112 -28.80 -2.40 -14.79
C TYR A 112 -28.89 -2.55 -16.35
N ASN A 113 -29.26 -1.47 -17.00
CA ASN A 113 -29.46 -1.48 -18.44
C ASN A 113 -29.08 -0.12 -19.02
N SER A 114 -29.19 0.07 -20.36
CA SER A 114 -28.84 1.35 -21.00
C SER A 114 -29.75 2.55 -20.66
N GLU A 115 -30.99 2.31 -20.27
CA GLU A 115 -31.87 3.42 -19.79
C GLU A 115 -31.44 3.94 -18.40
N LYS A 116 -30.63 3.20 -17.66
CA LYS A 116 -30.23 3.66 -16.33
C LYS A 116 -29.15 4.75 -16.37
N SER A 117 -29.11 5.46 -15.29
CA SER A 117 -28.15 6.51 -15.05
C SER A 117 -27.31 6.07 -13.87
N ILE A 118 -26.12 6.64 -13.76
CA ILE A 118 -25.29 6.30 -12.60
C ILE A 118 -26.00 6.88 -11.30
N VAL A 119 -26.29 6.00 -10.35
CA VAL A 119 -26.70 6.37 -9.01
C VAL A 119 -25.73 5.79 -8.01
N GLY A 120 -25.10 6.68 -7.28
CA GLY A 120 -24.11 6.29 -6.31
C GLY A 120 -22.75 6.35 -6.97
N ASN A 121 -21.89 5.45 -6.57
CA ASN A 121 -20.48 5.52 -7.00
C ASN A 121 -20.23 4.92 -8.46
N ALA A 122 -19.60 5.68 -9.36
CA ALA A 122 -19.47 5.19 -10.77
C ALA A 122 -18.59 3.96 -10.99
N ALA A 123 -17.67 3.67 -10.09
CA ALA A 123 -16.76 2.55 -10.28
C ALA A 123 -17.56 1.29 -10.53
N ASP A 124 -18.69 1.20 -9.83
CA ASP A 124 -19.57 0.04 -9.92
C ASP A 124 -20.23 -0.04 -11.28
N TYR A 125 -20.76 1.06 -11.80
CA TYR A 125 -21.44 1.01 -13.13
C TYR A 125 -20.45 0.78 -14.33
N GLU A 126 -19.22 1.21 -14.18
CA GLU A 126 -18.23 1.21 -15.23
C GLU A 126 -17.17 0.13 -15.12
N ILE A 127 -16.73 -0.26 -13.89
CA ILE A 127 -15.72 -1.30 -13.67
C ILE A 127 -16.24 -2.61 -12.96
N GLY A 128 -16.66 -2.53 -11.70
CA GLY A 128 -16.96 -3.72 -10.87
C GLY A 128 -18.00 -4.68 -11.44
N THR A 129 -19.04 -4.07 -11.98
CA THR A 129 -20.21 -4.75 -12.43
C THR A 129 -19.96 -5.26 -13.78
N PRO A 130 -19.46 -4.42 -14.70
CA PRO A 130 -19.09 -4.91 -16.02
C PRO A 130 -18.09 -6.10 -15.98
N ARG A 131 -17.10 -6.07 -15.06
CA ARG A 131 -16.24 -7.22 -14.91
C ARG A 131 -16.94 -8.47 -14.41
N ALA A 132 -17.92 -8.33 -13.55
CA ALA A 132 -18.58 -9.52 -13.09
C ALA A 132 -19.50 -10.06 -14.24
N ILE A 133 -20.17 -9.16 -14.97
CA ILE A 133 -21.04 -9.63 -16.09
C ILE A 133 -20.21 -10.37 -17.14
N ASN A 134 -19.08 -9.75 -17.53
CA ASN A 134 -18.24 -10.28 -18.58
C ASN A 134 -17.73 -11.64 -18.16
N ASN A 135 -17.33 -11.76 -16.90
CA ASN A 135 -16.75 -13.01 -16.42
C ASN A 135 -17.80 -14.16 -16.36
N THR A 136 -18.98 -13.83 -15.87
CA THR A 136 -20.15 -14.69 -15.82
C THR A 136 -20.47 -15.22 -17.24
N LEU A 137 -20.52 -14.34 -18.20
CA LEU A 137 -20.81 -14.64 -19.59
C LEU A 137 -19.79 -15.54 -20.31
N SER A 138 -18.54 -15.20 -20.12
CA SER A 138 -17.39 -15.94 -20.53
C SER A 138 -17.34 -17.34 -19.91
N LEU A 139 -17.52 -17.48 -18.60
CA LEU A 139 -17.46 -18.81 -18.05
C LEU A 139 -18.51 -19.71 -18.66
N MET A 140 -19.73 -19.14 -18.78
CA MET A 140 -20.95 -19.86 -19.13
C MET A 140 -21.44 -19.55 -20.57
N LYS A 141 -20.51 -19.29 -21.50
CA LYS A 141 -20.89 -18.84 -22.89
C LYS A 141 -21.53 -19.99 -23.74
N GLU A 142 -21.43 -21.22 -23.29
CA GLU A 142 -22.09 -22.39 -24.00
C GLU A 142 -23.56 -22.58 -23.51
N TYR A 143 -24.00 -21.67 -22.65
CA TYR A 143 -25.36 -21.70 -22.14
C TYR A 143 -26.14 -20.48 -22.54
N PHE A 144 -25.49 -19.55 -23.26
CA PHE A 144 -26.11 -18.35 -23.83
C PHE A 144 -25.99 -18.29 -25.38
N SER A 145 -26.96 -17.71 -26.03
CA SER A 145 -26.80 -17.40 -27.47
C SER A 145 -25.89 -16.17 -27.73
N ASP A 146 -25.44 -16.02 -29.00
CA ASP A 146 -24.74 -14.77 -29.36
C ASP A 146 -25.56 -13.47 -29.16
N GLU A 147 -26.85 -13.51 -29.50
CA GLU A 147 -27.82 -12.47 -29.23
C GLU A 147 -27.95 -12.17 -27.69
N GLU A 148 -27.97 -13.20 -26.83
CA GLU A 148 -28.09 -12.93 -25.39
C GLU A 148 -26.83 -12.25 -24.90
N ILE A 149 -25.68 -12.74 -25.29
CA ILE A 149 -24.42 -12.15 -24.89
C ILE A 149 -24.29 -10.65 -25.31
N LYS A 150 -24.69 -10.30 -26.55
CA LYS A 150 -24.79 -8.90 -27.08
C LYS A 150 -25.76 -8.09 -26.22
N LYS A 151 -27.00 -8.55 -26.07
CA LYS A 151 -28.04 -7.97 -25.15
C LYS A 151 -27.55 -7.63 -23.72
N TYR A 152 -26.80 -8.56 -23.09
CA TYR A 152 -26.37 -8.43 -21.67
C TYR A 152 -25.12 -7.58 -21.56
N THR A 153 -24.47 -7.36 -22.69
CA THR A 153 -23.35 -6.41 -22.69
C THR A 153 -23.62 -5.09 -23.35
N ASP A 154 -24.75 -4.89 -24.06
CA ASP A 154 -25.07 -3.55 -24.56
C ASP A 154 -24.85 -2.46 -23.48
N VAL A 155 -25.29 -2.74 -22.24
CA VAL A 155 -25.22 -1.78 -21.13
C VAL A 155 -23.75 -1.38 -20.89
N ILE A 156 -22.85 -2.35 -21.00
CA ILE A 156 -21.43 -2.13 -20.75
C ILE A 156 -20.87 -1.10 -21.74
N GLU A 157 -21.20 -1.26 -23.04
CA GLU A 157 -20.93 -0.29 -24.08
C GLU A 157 -21.46 1.16 -23.82
N LYS A 158 -22.68 1.29 -23.26
CA LYS A 158 -23.25 2.59 -22.95
C LYS A 158 -22.45 3.25 -21.81
N PHE A 159 -22.01 2.48 -20.83
CA PHE A 159 -21.23 3.04 -19.74
C PHE A 159 -19.75 3.22 -19.99
N VAL A 160 -19.18 2.43 -20.87
CA VAL A 160 -17.76 2.47 -21.21
C VAL A 160 -17.59 2.38 -22.74
N PRO A 161 -17.89 3.45 -23.50
CA PRO A 161 -17.81 3.40 -24.97
C PRO A 161 -16.40 3.69 -25.52
N ASP A 162 -15.78 4.72 -24.98
CA ASP A 162 -14.50 5.17 -25.52
C ASP A 162 -13.43 4.26 -24.88
N PRO A 163 -12.46 3.85 -25.69
CA PRO A 163 -11.19 3.34 -25.16
C PRO A 163 -10.50 4.35 -24.19
N GLU A 164 -10.55 5.65 -24.52
CA GLU A 164 -9.76 6.73 -23.84
C GLU A 164 -10.33 7.44 -22.56
N HIS A 165 -11.65 7.38 -22.30
CA HIS A 165 -12.29 8.26 -21.28
C HIS A 165 -13.29 7.48 -20.31
N PHE A 166 -13.06 7.63 -18.99
CA PHE A 166 -13.80 6.87 -17.96
C PHE A 166 -14.77 7.67 -17.08
N ARG A 167 -15.97 7.91 -17.62
CA ARG A 167 -17.20 8.42 -16.94
C ARG A 167 -18.25 9.08 -17.96
N LYS A 168 -18.12 8.80 -19.28
CA LYS A 168 -18.65 9.67 -20.40
C LYS A 168 -20.18 9.99 -20.46
N THR A 169 -21.04 9.19 -19.82
CA THR A 169 -22.49 9.43 -19.83
C THR A 169 -23.01 10.43 -18.76
N THR A 170 -22.16 10.73 -17.78
CA THR A 170 -22.55 11.50 -16.58
C THR A 170 -22.78 13.00 -16.88
N ASP A 171 -23.16 13.75 -15.83
CA ASP A 171 -23.07 15.23 -15.83
C ASP A 171 -21.64 15.66 -15.39
N ASN A 172 -20.72 14.71 -15.06
CA ASN A 172 -19.26 14.95 -14.72
C ASN A 172 -18.20 13.77 -15.02
N PRO A 173 -17.63 13.70 -16.25
CA PRO A 173 -16.57 12.71 -16.65
C PRO A 173 -15.00 13.04 -16.65
N PHE A 174 -14.11 12.06 -16.34
CA PHE A 174 -12.60 12.23 -16.32
C PHE A 174 -11.75 11.33 -17.30
N LYS A 175 -10.41 11.46 -17.26
CA LYS A 175 -9.44 10.69 -18.11
C LYS A 175 -8.90 9.34 -17.45
N ALA A 176 -9.01 8.23 -18.18
CA ALA A 176 -8.46 6.96 -17.72
C ALA A 176 -6.93 6.92 -17.77
N LEU A 177 -6.33 7.11 -16.59
CA LEU A 177 -4.91 6.83 -16.38
C LEU A 177 -4.74 5.93 -15.15
N GLY A 178 -3.75 5.05 -15.17
CA GLY A 178 -3.42 4.32 -13.97
C GLY A 178 -4.16 3.01 -14.02
N GLY A 179 -4.53 2.48 -12.86
CA GLY A 179 -5.22 1.20 -12.75
C GLY A 179 -6.59 1.23 -13.38
N ASN A 180 -7.25 2.40 -13.39
CA ASN A 180 -8.49 2.64 -14.15
C ASN A 180 -8.26 2.43 -15.68
N LEU A 181 -7.15 2.86 -16.23
CA LEU A 181 -6.88 2.49 -17.61
C LEU A 181 -6.75 0.96 -17.87
N VAL A 182 -6.24 0.24 -16.85
CA VAL A 182 -6.04 -1.20 -16.93
C VAL A 182 -7.35 -1.86 -16.61
N ASP A 183 -8.11 -1.24 -15.72
CA ASP A 183 -9.47 -1.64 -15.47
C ASP A 183 -10.44 -1.48 -16.75
N MET A 184 -10.14 -0.48 -17.55
CA MET A 184 -10.83 -0.20 -18.78
C MET A 184 -10.55 -1.32 -19.73
N GLY A 185 -9.28 -1.72 -19.70
CA GLY A 185 -8.77 -2.85 -20.42
C GLY A 185 -9.53 -4.14 -20.27
N ARG A 186 -9.65 -4.55 -19.02
CA ARG A 186 -10.32 -5.80 -18.62
C ARG A 186 -11.82 -5.80 -18.93
N VAL A 187 -12.47 -4.68 -18.68
CA VAL A 187 -13.79 -4.49 -19.12
C VAL A 187 -13.92 -4.61 -20.67
N LYS A 188 -13.10 -3.90 -21.45
CA LYS A 188 -13.40 -3.70 -22.87
C LYS A 188 -12.84 -4.74 -23.81
N VAL A 189 -11.71 -5.30 -23.44
CA VAL A 189 -11.11 -6.36 -24.23
C VAL A 189 -12.03 -7.53 -24.14
N ILE A 190 -12.46 -7.89 -22.92
CA ILE A 190 -13.33 -9.08 -22.73
C ILE A 190 -14.78 -8.92 -23.32
N ALA A 191 -15.37 -7.71 -23.12
CA ALA A 191 -16.61 -7.34 -23.74
C ALA A 191 -16.36 -7.37 -25.24
N GLY A 192 -15.21 -6.89 -25.69
CA GLY A 192 -14.87 -7.02 -27.10
C GLY A 192 -14.81 -8.45 -27.62
N LEU A 193 -14.19 -9.38 -26.91
CA LEU A 193 -14.17 -10.75 -27.40
C LEU A 193 -15.64 -11.36 -27.37
N LEU A 194 -16.41 -11.02 -26.32
CA LEU A 194 -17.71 -11.60 -26.05
C LEU A 194 -18.61 -11.14 -27.17
N ARG A 195 -18.44 -9.88 -27.61
CA ARG A 195 -19.29 -9.36 -28.68
C ARG A 195 -18.73 -9.41 -30.11
N LYS A 196 -17.68 -10.21 -30.33
CA LYS A 196 -17.00 -10.41 -31.61
C LYS A 196 -16.71 -9.12 -32.39
N ASP A 197 -16.09 -8.13 -31.67
CA ASP A 197 -15.80 -6.75 -32.15
C ASP A 197 -14.28 -6.43 -32.23
N ASP A 198 -13.73 -6.52 -33.43
CA ASP A 198 -12.30 -6.25 -33.62
C ASP A 198 -11.89 -4.82 -33.33
N GLN A 199 -12.69 -3.78 -33.66
CA GLN A 199 -12.32 -2.38 -33.42
C GLN A 199 -12.28 -2.15 -31.92
N GLU A 200 -13.23 -2.76 -31.22
CA GLU A 200 -13.26 -2.64 -29.77
C GLU A 200 -11.99 -3.26 -29.11
N ILE A 201 -11.55 -4.41 -29.55
CA ILE A 201 -10.38 -5.02 -28.93
C ILE A 201 -9.04 -4.21 -29.24
N SER A 202 -8.77 -3.98 -30.53
CA SER A 202 -7.61 -3.22 -31.04
C SER A 202 -7.50 -1.83 -30.42
N SER A 203 -8.55 -1.01 -30.52
CA SER A 203 -8.46 0.34 -29.93
C SER A 203 -8.34 0.25 -28.46
N THR A 204 -9.01 -0.73 -27.83
CA THR A 204 -8.82 -0.92 -26.39
C THR A 204 -7.38 -1.30 -26.08
N ILE A 205 -6.76 -2.20 -26.85
CA ILE A 205 -5.34 -2.48 -26.60
C ILE A 205 -4.42 -1.23 -26.84
N ARG A 206 -4.63 -0.48 -27.94
CA ARG A 206 -3.84 0.73 -28.27
C ARG A 206 -3.94 1.65 -27.06
N SER A 207 -5.10 1.68 -26.44
CA SER A 207 -5.29 2.59 -25.31
C SER A 207 -4.57 2.17 -24.02
N ILE A 208 -4.59 0.86 -23.72
CA ILE A 208 -3.93 0.30 -22.52
C ILE A 208 -2.42 0.61 -22.57
N GLU A 209 -1.86 0.61 -23.79
CA GLU A 209 -0.42 0.77 -24.02
C GLU A 209 0.17 2.08 -23.45
N GLN A 210 -0.65 3.11 -23.25
CA GLN A 210 -0.15 4.32 -22.68
C GLN A 210 0.25 4.20 -21.20
N VAL A 211 -0.18 3.12 -20.57
CA VAL A 211 0.11 2.86 -19.16
C VAL A 211 1.56 2.54 -18.96
N PHE A 212 2.21 2.19 -20.08
CA PHE A 212 3.65 1.89 -20.13
C PHE A 212 4.48 3.20 -20.13
N LYS A 213 3.82 4.37 -20.18
CA LYS A 213 4.56 5.64 -20.25
C LYS A 213 4.82 6.14 -18.82
N LEU A 214 6.06 6.47 -18.48
CA LEU A 214 6.31 7.16 -17.22
C LEU A 214 5.80 8.59 -17.37
N VAL A 215 5.21 9.10 -16.30
CA VAL A 215 4.68 10.47 -16.24
C VAL A 215 5.53 11.41 -15.39
N ASP A 216 5.30 12.74 -15.61
CA ASP A 216 5.94 13.89 -14.94
C ASP A 216 5.07 14.58 -13.86
N GLN A 217 3.79 14.23 -13.88
CA GLN A 217 2.75 14.87 -13.11
C GLN A 217 1.50 14.04 -13.24
N GLY A 218 0.59 14.16 -12.25
CA GLY A 218 -0.67 13.48 -12.23
C GLY A 218 -0.52 11.99 -11.91
N GLU A 219 -1.51 11.24 -12.33
CA GLU A 219 -1.54 9.77 -12.09
C GLU A 219 -0.53 8.99 -12.95
N GLY A 220 0.03 7.95 -12.36
CA GLY A 220 0.92 7.01 -12.96
C GLY A 220 2.27 6.89 -12.18
N PHE A 221 3.20 6.18 -12.84
CA PHE A 221 4.53 5.88 -12.34
C PHE A 221 5.45 7.01 -12.74
N TYR A 222 6.33 7.36 -11.82
CA TYR A 222 7.42 8.30 -11.96
C TYR A 222 8.82 7.63 -12.06
N GLN A 223 9.79 8.33 -12.60
CA GLN A 223 11.08 7.70 -12.75
C GLN A 223 11.79 7.26 -11.42
N ASP A 224 11.36 7.80 -10.30
CA ASP A 224 11.97 7.48 -8.99
C ASP A 224 11.19 6.35 -8.28
N GLY A 225 10.17 5.79 -8.96
CA GLY A 225 9.37 4.64 -8.45
C GLY A 225 8.05 4.94 -7.76
N SER A 226 7.86 6.22 -7.34
CA SER A 226 6.56 6.71 -6.90
C SER A 226 5.48 6.31 -7.90
N TYR A 227 4.29 6.04 -7.39
CA TYR A 227 3.05 5.86 -8.17
C TYR A 227 1.98 6.73 -7.52
N ILE A 228 1.47 7.69 -8.27
CA ILE A 228 0.30 8.57 -7.85
C ILE A 228 -1.09 8.13 -8.43
N ASP A 229 -2.15 8.13 -7.62
CA ASP A 229 -3.54 8.04 -8.08
C ASP A 229 -4.41 9.06 -7.37
N HIS A 230 -5.72 9.07 -7.72
CA HIS A 230 -6.62 10.19 -7.33
C HIS A 230 -5.99 11.63 -7.28
N THR A 231 -5.31 11.98 -8.38
CA THR A 231 -4.81 13.35 -8.65
C THR A 231 -3.49 13.51 -7.94
N ASN A 232 -3.53 13.43 -6.60
CA ASN A 232 -2.36 13.73 -5.74
C ASN A 232 -2.04 12.81 -4.52
N VAL A 233 -2.46 11.56 -4.60
CA VAL A 233 -2.30 10.62 -3.51
C VAL A 233 -1.28 9.51 -3.73
N ALA A 234 -0.38 9.34 -2.73
CA ALA A 234 0.54 8.17 -2.77
C ALA A 234 -0.26 6.79 -2.75
N TYR A 235 -0.10 5.94 -3.77
CA TYR A 235 -1.07 4.87 -3.99
C TYR A 235 -0.58 3.58 -4.68
N THR A 236 0.69 3.31 -4.58
CA THR A 236 1.26 2.10 -5.22
C THR A 236 0.53 0.77 -4.72
N GLY A 237 0.25 0.79 -3.42
CA GLY A 237 -0.16 -0.37 -2.67
C GLY A 237 -1.66 -0.61 -2.63
N ALA A 238 -2.42 0.09 -3.50
CA ALA A 238 -3.85 -0.24 -3.76
C ALA A 238 -4.20 -0.07 -5.23
N TYR A 239 -4.08 1.17 -5.75
CA TYR A 239 -4.30 1.40 -7.21
C TYR A 239 -3.17 0.83 -8.08
N GLY A 240 -1.93 0.97 -7.56
CA GLY A 240 -0.81 0.27 -8.14
C GLY A 240 -1.07 -1.22 -8.24
N ASN A 241 -1.70 -1.76 -7.20
CA ASN A 241 -1.87 -3.19 -7.06
C ASN A 241 -2.81 -3.63 -8.15
N VAL A 242 -3.92 -2.89 -8.33
CA VAL A 242 -4.91 -3.14 -9.40
C VAL A 242 -4.31 -3.15 -10.81
N LEU A 243 -3.43 -2.17 -11.01
CA LEU A 243 -2.74 -1.97 -12.24
C LEU A 243 -1.97 -3.24 -12.59
N ILE A 244 -1.11 -3.65 -11.68
CA ILE A 244 -0.29 -4.83 -11.98
C ILE A 244 -1.10 -6.19 -11.99
N ASP A 245 -2.05 -6.31 -11.06
CA ASP A 245 -2.91 -7.43 -10.93
C ASP A 245 -3.73 -7.60 -12.24
N GLY A 246 -4.34 -6.52 -12.72
CA GLY A 246 -5.23 -6.54 -13.87
C GLY A 246 -4.56 -6.80 -15.22
N LEU A 247 -3.44 -6.13 -15.47
CA LEU A 247 -2.60 -6.27 -16.62
C LEU A 247 -1.98 -7.62 -16.77
N SER A 248 -1.47 -8.10 -15.65
CA SER A 248 -0.92 -9.45 -15.60
C SER A 248 -1.98 -10.57 -15.86
N GLN A 249 -3.26 -10.44 -15.51
CA GLN A 249 -4.37 -11.33 -16.04
C GLN A 249 -4.61 -11.15 -17.50
N LEU A 250 -4.77 -9.93 -17.97
CA LEU A 250 -5.04 -9.69 -19.40
C LEU A 250 -3.89 -10.06 -20.40
N LEU A 251 -2.62 -9.98 -19.99
CA LEU A 251 -1.56 -10.15 -20.95
C LEU A 251 -1.55 -11.46 -21.71
N PRO A 252 -1.73 -12.61 -21.09
CA PRO A 252 -1.72 -13.84 -21.90
C PRO A 252 -2.76 -13.73 -23.01
N VAL A 253 -3.87 -13.04 -22.74
CA VAL A 253 -4.96 -12.91 -23.72
C VAL A 253 -4.54 -11.93 -24.82
N ILE A 254 -4.22 -10.71 -24.42
CA ILE A 254 -3.72 -9.70 -25.38
C ILE A 254 -2.66 -10.21 -26.38
N GLN A 255 -1.76 -11.08 -25.90
CA GLN A 255 -0.54 -11.51 -26.62
C GLN A 255 -0.83 -12.53 -27.74
N LYS A 256 -2.06 -13.02 -27.76
CA LYS A 256 -2.53 -13.96 -28.73
C LYS A 256 -3.61 -13.29 -29.54
N THR A 257 -3.92 -12.02 -29.31
CA THR A 257 -4.83 -11.33 -30.23
C THR A 257 -4.01 -10.93 -31.43
N LYS A 258 -4.70 -10.49 -32.48
CA LYS A 258 -4.06 -10.10 -33.74
C LYS A 258 -3.22 -8.82 -33.53
N ASN A 259 -3.55 -8.05 -32.47
CA ASN A 259 -2.83 -6.81 -32.06
C ASN A 259 -1.89 -6.97 -30.81
N PRO A 260 -0.93 -7.91 -30.86
CA PRO A 260 -0.04 -8.20 -29.71
C PRO A 260 0.73 -7.01 -29.25
N ILE A 261 1.17 -7.04 -28.01
CA ILE A 261 1.90 -5.94 -27.45
C ILE A 261 3.44 -6.20 -27.43
N ASP A 262 4.16 -5.31 -28.14
CA ASP A 262 5.62 -5.27 -28.32
C ASP A 262 6.41 -5.62 -27.08
N LYS A 263 7.40 -6.51 -27.22
CA LYS A 263 8.15 -7.01 -26.09
C LYS A 263 9.14 -5.96 -25.48
N ASP A 264 9.19 -4.79 -26.07
CA ASP A 264 10.06 -3.72 -25.58
C ASP A 264 9.27 -2.71 -24.72
N LYS A 265 8.05 -2.35 -25.15
CA LYS A 265 7.03 -1.62 -24.32
C LYS A 265 6.75 -2.39 -23.04
N MET A 266 6.97 -3.71 -23.04
CA MET A 266 6.85 -4.54 -21.86
C MET A 266 7.79 -4.16 -20.74
N GLN A 267 9.12 -4.18 -21.00
CA GLN A 267 10.30 -3.91 -20.05
C GLN A 267 10.10 -2.82 -18.93
N THR A 268 9.15 -1.95 -19.18
CA THR A 268 8.62 -1.02 -18.23
C THR A 268 7.94 -1.72 -17.02
N MET A 269 7.34 -2.91 -17.25
CA MET A 269 6.60 -3.64 -16.18
C MET A 269 7.65 -4.09 -15.13
N TYR A 270 8.82 -4.55 -15.58
CA TYR A 270 9.88 -5.01 -14.67
C TYR A 270 10.49 -3.83 -13.86
N HIS A 271 10.51 -2.65 -14.44
CA HIS A 271 10.97 -1.50 -13.75
C HIS A 271 9.94 -1.17 -12.72
N TRP A 272 8.66 -1.23 -13.03
CA TRP A 272 7.64 -1.12 -11.96
C TRP A 272 7.92 -2.05 -10.72
N ILE A 273 8.12 -3.36 -11.00
CA ILE A 273 8.34 -4.39 -10.01
C ILE A 273 9.55 -4.03 -9.16
N ASP A 274 10.73 -3.80 -9.79
CA ASP A 274 11.92 -3.51 -9.04
C ASP A 274 12.00 -2.09 -8.36
N LYS A 275 11.51 -1.04 -9.04
CA LYS A 275 11.55 0.37 -8.61
C LYS A 275 10.42 0.75 -7.69
N SER A 276 9.20 0.27 -7.92
CA SER A 276 8.01 0.76 -7.26
C SER A 276 7.41 -0.15 -6.19
N PHE A 277 7.22 -1.42 -6.53
CA PHE A 277 6.55 -2.40 -5.67
C PHE A 277 7.52 -3.13 -4.69
N ALA A 278 8.55 -3.78 -5.22
CA ALA A 278 9.49 -4.46 -4.38
C ALA A 278 9.97 -3.68 -3.10
N PRO A 279 10.36 -2.40 -3.18
CA PRO A 279 10.78 -1.67 -1.92
C PRO A 279 9.73 -1.61 -0.80
N LEU A 280 8.49 -1.77 -1.20
CA LEU A 280 7.30 -1.65 -0.38
C LEU A 280 6.90 -2.97 0.31
N LEU A 281 7.67 -4.03 0.03
CA LEU A 281 7.35 -5.40 0.48
C LEU A 281 8.42 -5.82 1.52
N VAL A 282 8.02 -5.94 2.79
CA VAL A 282 8.91 -6.33 3.89
C VAL A 282 8.30 -7.54 4.58
N ASN A 283 9.02 -8.68 4.54
CA ASN A 283 8.57 -9.91 5.20
C ASN A 283 7.13 -10.25 4.87
N GLY A 284 6.82 -9.98 3.64
CA GLY A 284 5.53 -10.43 3.10
C GLY A 284 4.36 -9.45 3.27
N GLU A 285 4.73 -8.28 3.73
CA GLU A 285 3.80 -7.22 4.11
C GLU A 285 3.99 -5.98 3.18
N LEU A 286 2.92 -5.49 2.59
CA LEU A 286 2.92 -4.26 1.74
C LEU A 286 2.64 -3.08 2.66
N MET A 287 3.60 -2.15 2.70
CA MET A 287 3.58 -1.01 3.64
C MET A 287 2.32 -0.13 3.54
N ASP A 288 1.70 0.12 4.70
CA ASP A 288 0.41 0.80 4.78
C ASP A 288 0.41 2.22 4.23
N MET A 289 1.59 2.82 4.18
CA MET A 289 1.71 4.20 3.80
C MET A 289 1.44 4.45 2.32
N SER A 290 1.36 3.30 1.56
CA SER A 290 1.20 3.26 0.17
C SER A 290 -0.21 2.73 -0.27
N ARG A 291 -1.08 2.37 0.70
CA ARG A 291 -2.39 1.72 0.45
C ARG A 291 -3.57 2.62 0.67
N GLY A 292 -3.30 3.87 0.99
CA GLY A 292 -4.36 4.85 1.03
C GLY A 292 -5.41 4.41 2.02
N ARG A 293 -6.65 4.40 1.56
CA ARG A 293 -7.78 4.15 2.45
C ARG A 293 -8.05 2.70 2.68
N SER A 294 -7.34 1.84 1.93
CA SER A 294 -7.44 0.37 2.04
C SER A 294 -6.91 -0.16 3.31
N ILE A 295 -6.13 0.67 4.06
CA ILE A 295 -5.72 0.35 5.43
C ILE A 295 -6.93 0.13 6.39
N SER A 296 -8.05 0.69 6.00
CA SER A 296 -9.24 0.68 6.89
C SER A 296 -10.17 -0.53 6.70
N ARG A 297 -9.73 -1.51 5.95
CA ARG A 297 -10.48 -2.74 5.65
C ARG A 297 -9.89 -3.93 6.44
N ALA A 298 -10.68 -4.54 7.33
CA ALA A 298 -10.33 -5.77 8.03
C ALA A 298 -9.84 -6.93 7.11
N ASN A 299 -10.35 -7.05 5.87
CA ASN A 299 -10.05 -8.18 4.95
C ASN A 299 -8.81 -7.95 3.99
N SER A 300 -8.18 -6.76 4.08
CA SER A 300 -7.02 -6.36 3.29
C SER A 300 -5.92 -5.70 4.22
N GLU A 301 -5.63 -6.30 5.36
CA GLU A 301 -4.38 -5.92 6.07
C GLU A 301 -3.07 -6.20 5.24
N GLY A 302 -1.95 -5.66 5.75
CA GLY A 302 -0.75 -5.62 4.91
C GLY A 302 -0.26 -6.89 4.21
N HIS A 303 -0.42 -8.04 4.86
CA HIS A 303 0.07 -9.29 4.26
C HIS A 303 -0.92 -9.84 3.22
N VAL A 304 -2.20 -9.56 3.40
CA VAL A 304 -3.19 -9.94 2.38
C VAL A 304 -3.04 -9.09 1.08
N ALA A 305 -2.89 -7.77 1.29
CA ALA A 305 -2.67 -6.84 0.18
C ALA A 305 -1.41 -7.17 -0.63
N ALA A 306 -0.33 -7.47 0.10
CA ALA A 306 0.91 -7.82 -0.57
C ALA A 306 0.71 -8.90 -1.70
N VAL A 307 -0.24 -9.83 -1.51
CA VAL A 307 -0.39 -11.04 -2.34
C VAL A 307 -0.97 -10.65 -3.69
N GLU A 308 -1.72 -9.55 -3.71
CA GLU A 308 -2.20 -9.01 -4.99
C GLU A 308 -1.06 -8.69 -5.92
N VAL A 309 -0.05 -8.02 -5.34
CA VAL A 309 1.17 -7.64 -6.05
C VAL A 309 1.95 -8.89 -6.42
N LEU A 310 2.12 -9.83 -5.48
CA LEU A 310 2.93 -10.99 -5.69
C LEU A 310 2.40 -11.89 -6.78
N ARG A 311 1.11 -12.11 -6.79
CA ARG A 311 0.48 -12.97 -7.85
C ARG A 311 0.54 -12.26 -9.18
N GLY A 312 0.55 -10.93 -9.12
CA GLY A 312 0.86 -10.16 -10.33
C GLY A 312 2.28 -10.41 -10.88
N ILE A 313 3.23 -10.45 -9.99
CA ILE A 313 4.57 -10.62 -10.40
C ILE A 313 4.73 -12.01 -10.94
N HIS A 314 4.07 -13.00 -10.35
CA HIS A 314 4.35 -14.40 -10.70
C HIS A 314 3.72 -14.69 -12.07
N ARG A 315 2.68 -13.97 -12.43
CA ARG A 315 2.12 -14.10 -13.74
C ARG A 315 3.04 -13.48 -14.77
N ILE A 316 3.58 -12.29 -14.50
CA ILE A 316 4.57 -11.58 -15.39
C ILE A 316 5.75 -12.55 -15.64
N ALA A 317 6.31 -13.06 -14.55
CA ALA A 317 7.35 -14.10 -14.58
C ALA A 317 7.06 -15.25 -15.52
N ASP A 318 5.82 -15.73 -15.53
CA ASP A 318 5.37 -16.88 -16.31
C ASP A 318 5.31 -16.60 -17.80
N MET A 319 5.10 -15.35 -18.16
CA MET A 319 5.02 -14.99 -19.55
C MET A 319 6.36 -14.45 -20.06
N SER A 320 7.35 -14.39 -19.20
CA SER A 320 8.72 -14.02 -19.59
C SER A 320 9.52 -15.28 -19.95
N GLU A 321 10.80 -15.13 -20.20
CA GLU A 321 11.62 -16.33 -20.38
C GLU A 321 13.03 -16.12 -19.85
N GLY A 322 13.85 -17.18 -19.98
CA GLY A 322 15.22 -17.24 -19.50
C GLY A 322 15.48 -16.57 -18.14
N GLU A 323 16.38 -15.60 -18.19
CA GLU A 323 16.86 -15.01 -16.99
C GLU A 323 15.76 -14.18 -16.28
N THR A 324 14.93 -13.42 -17.01
CA THR A 324 14.04 -12.50 -16.27
C THR A 324 13.00 -13.28 -15.50
N LYS A 325 12.47 -14.37 -16.11
CA LYS A 325 11.57 -15.36 -15.43
C LYS A 325 12.13 -15.93 -14.08
N GLN A 326 13.42 -16.28 -14.04
CA GLN A 326 14.01 -16.94 -12.85
C GLN A 326 14.14 -15.93 -11.72
N ARG A 327 14.60 -14.74 -12.07
CA ARG A 327 14.76 -13.69 -11.12
C ARG A 327 13.45 -13.27 -10.43
N LEU A 328 12.36 -13.25 -11.17
CA LEU A 328 11.06 -12.76 -10.67
C LEU A 328 10.40 -13.86 -9.90
N GLN A 329 10.60 -15.09 -10.39
CA GLN A 329 10.24 -16.30 -9.61
C GLN A 329 10.93 -16.28 -8.22
N SER A 330 12.19 -15.84 -8.18
CA SER A 330 13.01 -15.88 -6.99
C SER A 330 12.63 -14.78 -6.03
N LEU A 331 12.25 -13.61 -6.55
CA LEU A 331 11.82 -12.47 -5.78
C LEU A 331 10.56 -12.83 -4.99
N VAL A 332 9.60 -13.43 -5.73
CA VAL A 332 8.36 -13.95 -5.14
C VAL A 332 8.55 -15.08 -4.12
N LYS A 333 9.39 -16.05 -4.43
CA LYS A 333 9.72 -17.15 -3.58
C LYS A 333 10.41 -16.62 -2.25
N THR A 334 11.48 -15.86 -2.33
CA THR A 334 12.04 -15.27 -1.12
C THR A 334 11.09 -14.42 -0.26
N ILE A 335 10.21 -13.60 -0.89
CA ILE A 335 9.21 -12.80 -0.10
C ILE A 335 8.26 -13.70 0.62
N VAL A 336 7.70 -14.65 -0.11
CA VAL A 336 6.79 -15.63 0.48
C VAL A 336 7.44 -16.48 1.66
N GLN A 337 8.68 -16.93 1.50
CA GLN A 337 9.31 -17.78 2.48
C GLN A 337 9.70 -16.95 3.71
N SER A 338 9.99 -15.67 3.59
CA SER A 338 10.25 -14.80 4.78
C SER A 338 9.04 -14.63 5.65
N ASP A 339 7.85 -15.02 5.18
CA ASP A 339 6.59 -14.61 5.82
C ASP A 339 6.16 -15.84 6.68
N SER A 340 6.45 -15.79 7.96
CA SER A 340 6.04 -16.79 8.93
C SER A 340 4.67 -16.47 9.54
N TYR A 341 4.06 -15.34 9.16
CA TYR A 341 2.85 -14.85 9.76
C TYR A 341 1.59 -15.18 8.93
N TYR A 342 1.65 -15.06 7.58
CA TYR A 342 0.52 -15.13 6.67
C TYR A 342 0.74 -16.27 5.56
N ASP A 343 -0.29 -17.02 5.34
CA ASP A 343 -0.28 -18.13 4.39
C ASP A 343 -0.73 -17.51 3.08
N VAL A 344 0.21 -17.31 2.16
CA VAL A 344 -0.04 -16.67 0.84
C VAL A 344 -1.31 -17.21 0.10
N PHE A 345 -1.57 -18.51 0.33
CA PHE A 345 -2.57 -19.21 -0.41
C PHE A 345 -3.94 -18.66 -0.06
N LYS A 346 -4.02 -17.97 1.06
CA LYS A 346 -5.31 -17.45 1.53
C LYS A 346 -5.80 -16.26 0.70
N ASN A 347 -4.87 -15.61 -0.01
CA ASN A 347 -5.26 -14.64 -1.03
C ASN A 347 -4.93 -15.06 -2.48
N LEU A 348 -4.89 -16.36 -2.74
CA LEU A 348 -4.68 -16.82 -4.14
C LEU A 348 -6.00 -17.47 -4.58
N LYS A 349 -6.75 -16.82 -5.49
CA LYS A 349 -8.18 -17.13 -5.66
C LYS A 349 -8.60 -17.81 -7.00
N THR A 350 -7.65 -18.36 -7.72
CA THR A 350 -7.92 -19.10 -8.93
C THR A 350 -6.93 -20.29 -8.88
N TYR A 351 -7.31 -21.40 -9.48
CA TYR A 351 -6.50 -22.60 -9.56
C TYR A 351 -5.13 -22.37 -10.22
N LYS A 352 -4.99 -21.45 -11.18
CA LYS A 352 -3.74 -21.34 -11.87
C LYS A 352 -2.79 -20.51 -11.03
N ASP A 353 -3.30 -19.54 -10.32
CA ASP A 353 -2.51 -18.90 -9.29
C ASP A 353 -2.00 -19.81 -8.22
N ILE A 354 -2.85 -20.72 -7.74
CA ILE A 354 -2.40 -21.69 -6.77
C ILE A 354 -1.26 -22.57 -7.34
N SER A 355 -1.48 -23.03 -8.57
CA SER A 355 -0.61 -23.92 -9.24
C SER A 355 0.78 -23.28 -9.49
N LEU A 356 0.78 -22.06 -10.03
CA LEU A 356 1.97 -21.28 -10.26
C LEU A 356 2.82 -21.15 -8.97
N MET A 357 2.18 -20.89 -7.81
CA MET A 357 2.87 -20.65 -6.52
C MET A 357 3.41 -21.94 -6.03
N GLN A 358 2.61 -22.99 -6.02
CA GLN A 358 3.07 -24.33 -5.72
C GLN A 358 4.33 -24.79 -6.47
N SER A 359 4.36 -24.71 -7.76
CA SER A 359 5.53 -25.11 -8.54
C SER A 359 6.78 -24.22 -8.22
N LEU A 360 6.52 -22.99 -7.93
CA LEU A 360 7.54 -22.05 -7.63
C LEU A 360 8.31 -22.35 -6.27
N LEU A 361 7.51 -22.62 -5.23
CA LEU A 361 7.99 -23.03 -3.92
C LEU A 361 8.69 -24.42 -3.86
N SER A 362 8.38 -25.32 -4.77
CA SER A 362 8.92 -26.66 -4.73
C SER A 362 10.02 -26.87 -5.81
N ASP A 363 10.19 -25.96 -6.75
CA ASP A 363 11.27 -25.97 -7.76
C ASP A 363 12.63 -25.48 -7.15
N ALA A 364 13.49 -26.49 -6.91
CA ALA A 364 14.80 -26.32 -6.30
C ALA A 364 15.72 -25.41 -7.16
N GLY A 365 15.53 -25.41 -8.49
CA GLY A 365 16.16 -24.47 -9.45
C GLY A 365 15.93 -22.96 -9.26
N VAL A 366 14.92 -22.61 -8.46
CA VAL A 366 14.52 -21.23 -8.17
C VAL A 366 15.07 -20.86 -6.78
N ALA A 367 15.99 -19.91 -6.78
CA ALA A 367 16.68 -19.50 -5.55
C ALA A 367 15.80 -18.70 -4.55
N SER A 368 15.93 -18.99 -3.29
CA SER A 368 15.28 -18.21 -2.27
C SER A 368 16.36 -17.74 -1.33
N VAL A 369 16.81 -16.52 -1.56
CA VAL A 369 17.93 -15.94 -0.86
C VAL A 369 17.40 -14.69 -0.10
N PRO A 370 17.87 -14.40 1.11
CA PRO A 370 17.39 -13.17 1.79
C PRO A 370 17.64 -11.87 0.95
N ARG A 371 16.66 -11.00 0.85
CA ARG A 371 16.86 -9.72 0.18
C ARG A 371 17.92 -8.86 0.86
N THR A 372 18.59 -8.19 -0.02
CA THR A 372 19.63 -7.27 0.31
C THR A 372 19.09 -5.89 0.77
N SER A 373 19.97 -5.13 1.43
CA SER A 373 19.65 -3.85 2.00
C SER A 373 19.31 -2.85 0.84
N TYR A 374 18.35 -1.94 1.05
CA TYR A 374 17.99 -0.89 0.11
C TYR A 374 17.28 0.29 0.82
N LEU A 375 17.15 1.36 0.02
CA LEU A 375 16.58 2.57 0.40
C LEU A 375 16.06 3.34 -0.80
N SER A 376 14.73 3.49 -0.88
CA SER A 376 14.00 4.09 -2.00
C SER A 376 13.41 5.42 -1.49
N ALA A 377 13.82 6.52 -2.11
CA ALA A 377 13.37 7.90 -1.84
C ALA A 377 12.35 8.17 -2.95
N PHE A 378 11.09 7.92 -2.62
CA PHE A 378 10.00 8.16 -3.51
C PHE A 378 9.61 9.63 -3.31
N ASN A 379 10.49 10.52 -3.73
CA ASN A 379 10.19 11.95 -3.66
C ASN A 379 8.85 12.47 -4.33
N LYS A 380 8.50 11.90 -5.48
CA LYS A 380 7.33 12.26 -6.30
C LYS A 380 6.00 11.85 -5.59
N MET A 381 6.12 11.05 -4.50
CA MET A 381 4.96 10.84 -3.61
C MET A 381 5.24 11.07 -2.07
N ASP A 382 6.36 11.71 -1.76
CA ASP A 382 6.76 12.10 -0.42
C ASP A 382 6.74 10.89 0.57
N LYS A 383 7.27 9.75 0.12
CA LYS A 383 7.42 8.55 0.97
C LYS A 383 8.86 8.04 0.77
N THR A 384 9.36 7.41 1.85
CA THR A 384 10.66 6.79 1.88
C THR A 384 10.62 5.42 2.53
N ALA A 385 11.17 4.42 1.87
CA ALA A 385 11.17 3.06 2.36
C ALA A 385 12.64 2.56 2.50
N MET A 386 12.94 1.91 3.61
CA MET A 386 14.29 1.55 3.94
C MET A 386 14.29 0.15 4.50
N TYR A 387 15.38 -0.56 4.19
CA TYR A 387 15.50 -1.93 4.58
C TYR A 387 16.96 -2.31 4.76
N ASN A 388 17.22 -2.87 5.94
CA ASN A 388 18.58 -3.30 6.38
C ASN A 388 18.62 -4.88 6.43
N ALA A 389 19.37 -5.51 5.57
CA ALA A 389 19.31 -7.00 5.55
C ALA A 389 20.17 -7.58 6.71
N GLU A 390 21.22 -6.82 7.04
CA GLU A 390 22.12 -7.34 8.14
C GLU A 390 21.38 -7.68 9.45
N LYS A 391 20.53 -6.78 9.87
CA LYS A 391 19.85 -6.75 11.17
C LYS A 391 18.36 -7.14 11.05
N GLY A 392 17.80 -6.99 9.86
CA GLY A 392 16.47 -7.55 9.63
C GLY A 392 15.23 -6.65 9.76
N PHE A 393 15.37 -5.31 9.73
CA PHE A 393 14.26 -4.38 9.86
C PHE A 393 14.03 -3.42 8.64
N GLY A 394 12.78 -3.03 8.44
CA GLY A 394 12.45 -1.97 7.56
C GLY A 394 11.90 -0.76 8.32
N PHE A 395 11.88 0.35 7.58
CA PHE A 395 11.47 1.66 8.02
C PHE A 395 10.63 2.32 6.88
N GLY A 396 9.46 2.82 7.22
CA GLY A 396 8.74 3.67 6.30
C GLY A 396 8.52 5.06 6.81
N LEU A 397 8.78 6.04 6.01
CA LEU A 397 8.48 7.39 6.39
C LEU A 397 7.37 7.96 5.46
N SER A 398 6.20 8.19 6.03
CA SER A 398 4.99 8.82 5.48
C SER A 398 4.87 10.30 5.73
N LEU A 399 5.06 11.00 4.64
CA LEU A 399 4.96 12.42 4.52
C LEU A 399 3.93 12.76 3.43
N PHE A 400 3.67 14.05 3.36
CA PHE A 400 2.99 14.80 2.30
C PHE A 400 3.59 16.21 2.23
N SER A 401 3.16 16.89 1.19
CA SER A 401 3.71 18.17 0.79
C SER A 401 2.60 19.04 0.18
N SER A 402 2.96 20.19 -0.39
CA SER A 402 2.05 20.91 -1.35
C SER A 402 1.64 20.07 -2.57
N ARG A 403 2.34 18.99 -2.86
CA ARG A 403 2.15 18.25 -4.15
C ARG A 403 1.31 17.07 -3.89
N THR A 404 1.00 16.80 -2.63
CA THR A 404 0.31 15.52 -2.26
C THR A 404 -0.72 15.73 -1.13
N LEU A 405 -1.75 14.87 -1.16
CA LEU A 405 -2.75 14.73 -0.07
C LEU A 405 -2.27 13.89 1.10
N ASN A 406 -2.49 14.36 2.33
CA ASN A 406 -1.99 13.72 3.56
C ASN A 406 -2.64 12.33 3.85
N TYR A 407 -3.98 12.27 3.72
CA TYR A 407 -4.74 11.03 3.83
C TYR A 407 -6.00 11.05 2.98
N GLU A 408 -6.43 9.88 2.46
CA GLU A 408 -7.68 9.77 1.69
C GLU A 408 -8.86 9.14 2.50
N HIS A 409 -9.86 9.96 2.83
CA HIS A 409 -11.17 9.56 3.41
C HIS A 409 -12.26 9.77 2.34
N MET A 410 -12.66 8.65 1.69
CA MET A 410 -13.55 8.66 0.55
C MET A 410 -14.37 7.35 0.57
N ASN A 411 -15.58 7.35 0.00
CA ASN A 411 -16.51 6.21 0.12
C ASN A 411 -16.73 5.72 1.55
N LYS A 412 -16.69 6.68 2.48
CA LYS A 412 -16.80 6.44 3.90
C LYS A 412 -15.70 5.48 4.52
N GLU A 413 -14.54 5.44 3.88
CA GLU A 413 -13.44 4.60 4.35
C GLU A 413 -12.37 5.50 4.88
N ASN A 414 -11.75 5.11 5.97
CA ASN A 414 -10.55 5.71 6.55
C ASN A 414 -10.85 7.07 7.26
N LYS A 415 -11.92 7.02 8.04
CA LYS A 415 -12.47 8.17 8.74
C LYS A 415 -11.43 8.88 9.66
N ARG A 416 -10.39 8.17 10.08
CA ARG A 416 -9.47 8.74 11.08
C ARG A 416 -7.97 8.67 10.61
N GLY A 417 -7.75 8.72 9.29
CA GLY A 417 -6.40 8.78 8.73
C GLY A 417 -5.62 10.09 8.99
N TRP A 418 -6.24 11.00 9.79
CA TRP A 418 -5.86 12.42 9.84
C TRP A 418 -4.28 12.73 9.81
N TYR A 419 -3.59 11.99 10.67
CA TYR A 419 -2.18 12.21 10.91
C TYR A 419 -1.28 11.13 10.29
N THR A 420 -1.82 10.31 9.35
CA THR A 420 -1.06 9.15 8.82
C THR A 420 0.15 9.53 7.96
N SER A 421 0.19 10.80 7.47
CA SER A 421 1.32 11.34 6.64
C SER A 421 1.99 12.61 7.28
N ASP A 422 1.85 12.75 8.59
CA ASP A 422 2.36 13.93 9.32
C ASP A 422 3.74 13.65 9.89
N GLY A 423 4.58 13.01 9.06
CA GLY A 423 5.85 12.42 9.51
C GLY A 423 5.56 11.24 10.43
N MET A 424 4.54 10.48 10.08
CA MET A 424 4.36 9.19 10.67
C MET A 424 5.53 8.27 10.25
N PHE A 425 6.15 7.57 11.20
CA PHE A 425 7.00 6.38 10.82
C PHE A 425 6.43 4.99 11.12
N TYR A 426 6.96 4.03 10.36
CA TYR A 426 6.64 2.59 10.48
C TYR A 426 7.94 1.89 10.83
N LEU A 427 7.87 0.90 11.75
CA LEU A 427 9.00 -0.03 11.96
C LEU A 427 8.59 -1.44 11.67
N TYR A 428 9.35 -2.07 10.77
CA TYR A 428 9.13 -3.43 10.38
C TYR A 428 10.16 -4.35 11.00
N ASN A 429 9.70 -5.15 11.93
CA ASN A 429 10.60 -5.98 12.70
C ASN A 429 10.15 -7.43 12.79
N GLY A 430 10.74 -8.21 13.69
CA GLY A 430 10.41 -9.63 13.80
C GLY A 430 8.93 -9.92 14.14
N ASP A 431 8.24 -8.89 14.66
CA ASP A 431 6.78 -8.92 14.73
C ASP A 431 6.05 -8.62 13.36
N LEU A 432 5.88 -9.64 12.55
CA LEU A 432 5.15 -9.55 11.24
C LEU A 432 3.63 -9.10 11.39
N SER A 433 3.05 -9.34 12.56
CA SER A 433 1.64 -9.13 12.77
C SER A 433 1.37 -7.71 13.23
N HIS A 434 2.43 -6.87 13.42
CA HIS A 434 2.31 -5.62 14.20
C HIS A 434 1.19 -4.71 13.66
N TYR A 435 1.25 -4.46 12.35
CA TYR A 435 0.26 -3.55 11.77
C TYR A 435 -1.01 -4.29 11.37
N SER A 436 -1.16 -5.51 11.85
CA SER A 436 -2.28 -6.41 11.51
C SER A 436 -3.01 -6.87 12.78
N ASP A 437 -3.86 -7.89 12.68
CA ASP A 437 -4.73 -8.30 13.80
C ASP A 437 -5.42 -7.09 14.46
N GLY A 438 -6.11 -6.27 13.63
CA GLY A 438 -6.80 -5.05 14.08
C GLY A 438 -5.99 -3.89 14.75
N TYR A 439 -4.78 -3.65 14.23
CA TYR A 439 -4.01 -2.43 14.46
C TYR A 439 -4.86 -1.21 14.10
N TRP A 440 -5.31 -1.14 12.89
CA TRP A 440 -5.95 0.07 12.43
C TRP A 440 -7.22 0.61 13.17
N PRO A 441 -8.20 -0.28 13.49
CA PRO A 441 -9.31 0.13 14.38
C PRO A 441 -8.91 0.26 15.86
N THR A 442 -7.69 -0.12 16.28
CA THR A 442 -7.35 -0.03 17.76
C THR A 442 -6.34 0.99 18.23
N VAL A 443 -5.47 1.37 17.29
CA VAL A 443 -4.49 2.41 17.46
C VAL A 443 -5.25 3.71 17.75
N ASN A 444 -4.70 4.50 18.67
CA ASN A 444 -5.22 5.81 19.00
C ASN A 444 -4.78 6.78 17.86
N PRO A 445 -5.76 7.20 16.96
CA PRO A 445 -5.51 7.99 15.74
C PRO A 445 -5.05 9.42 16.04
N TYR A 446 -5.09 9.81 17.32
CA TYR A 446 -4.55 11.09 17.79
C TYR A 446 -3.01 11.09 18.09
N LYS A 447 -2.40 9.91 18.07
CA LYS A 447 -1.07 9.70 18.58
C LYS A 447 -0.27 8.83 17.57
N MET A 448 -0.38 9.12 16.28
CA MET A 448 0.21 8.27 15.29
C MET A 448 1.76 8.43 15.47
N PRO A 449 2.46 7.32 15.56
CA PRO A 449 3.88 7.39 15.91
C PRO A 449 4.66 8.28 14.98
N GLY A 450 5.50 9.13 15.60
CA GLY A 450 6.38 10.10 14.99
C GLY A 450 5.85 11.54 14.82
N THR A 451 4.52 11.65 14.84
CA THR A 451 3.81 12.88 14.51
C THR A 451 3.83 13.86 15.75
N THR A 452 4.01 15.12 15.46
CA THR A 452 3.84 16.20 16.41
C THR A 452 2.51 16.86 16.16
N GLU A 453 1.75 17.04 17.22
CA GLU A 453 0.31 17.36 17.06
C GLU A 453 -0.20 18.00 18.33
N THR A 454 -1.25 18.83 18.17
CA THR A 454 -2.09 19.18 19.33
C THR A 454 -3.10 18.08 19.57
N ASP A 455 -3.73 18.18 20.75
CA ASP A 455 -4.79 17.21 21.17
C ASP A 455 -6.23 17.67 20.84
N ALA A 456 -6.42 18.68 20.02
CA ALA A 456 -7.76 19.06 19.59
C ALA A 456 -8.48 17.79 19.15
N LYS A 457 -9.79 17.77 19.35
CA LYS A 457 -10.58 16.70 18.85
C LYS A 457 -10.69 16.86 17.32
N ARG A 458 -10.84 15.74 16.62
CA ARG A 458 -11.00 15.69 15.16
C ARG A 458 -12.30 15.10 14.78
N ALA A 459 -12.81 15.58 13.65
CA ALA A 459 -14.09 15.12 13.17
C ALA A 459 -13.90 14.07 11.98
N ASP A 460 -14.52 12.91 12.10
CA ASP A 460 -14.57 11.85 11.02
C ASP A 460 -15.06 12.32 9.60
N SER A 461 -15.87 13.40 9.59
CA SER A 461 -16.38 13.96 8.31
C SER A 461 -15.30 14.73 7.51
N ASP A 462 -14.14 15.00 8.15
CA ASP A 462 -13.01 15.69 7.56
C ASP A 462 -12.43 14.88 6.38
N THR A 463 -11.93 15.65 5.43
CA THR A 463 -11.17 15.16 4.31
C THR A 463 -9.76 15.67 4.33
N GLY A 464 -8.99 15.04 3.44
CA GLY A 464 -7.58 15.32 3.30
C GLY A 464 -7.27 16.73 2.87
N LYS A 465 -6.03 17.12 3.11
CA LYS A 465 -5.47 18.42 2.77
C LYS A 465 -4.06 18.23 2.15
N VAL A 466 -3.63 19.20 1.33
CA VAL A 466 -2.28 19.33 0.98
C VAL A 466 -1.55 20.16 2.08
N LEU A 467 -0.24 19.97 2.13
CA LEU A 467 0.63 20.82 2.97
C LEU A 467 0.87 22.23 2.32
N PRO A 468 0.90 23.30 3.12
CA PRO A 468 1.26 24.67 2.60
C PRO A 468 2.65 24.68 2.02
N SER A 469 3.62 23.94 2.63
CA SER A 469 5.00 24.04 2.16
C SER A 469 5.40 22.97 1.09
N ALA A 470 6.37 23.30 0.23
CA ALA A 470 6.93 22.33 -0.79
C ALA A 470 8.25 21.65 -0.30
N PHE A 471 8.70 22.13 0.84
CA PHE A 471 9.99 21.77 1.41
C PHE A 471 9.85 20.51 2.28
N VAL A 472 9.81 19.42 1.56
CA VAL A 472 9.44 18.12 1.98
C VAL A 472 10.19 17.21 0.93
N GLY A 473 11.10 16.39 1.44
CA GLY A 473 11.87 15.48 0.64
C GLY A 473 13.04 14.74 1.20
N THR A 474 13.47 13.75 0.39
CA THR A 474 14.57 12.89 0.79
C THR A 474 15.79 13.03 -0.13
N SER A 475 16.97 13.20 0.46
CA SER A 475 18.28 13.09 -0.21
C SER A 475 18.94 11.72 0.11
N LYS A 476 18.98 10.87 -0.91
CA LYS A 476 19.51 9.52 -0.75
C LYS A 476 20.97 9.54 -1.19
N LEU A 477 21.86 9.06 -0.37
CA LEU A 477 23.26 8.85 -0.79
C LEU A 477 23.58 7.44 -1.38
N ASP A 478 23.12 6.42 -0.72
CA ASP A 478 23.39 5.09 -1.06
C ASP A 478 22.29 4.18 -0.49
N ASP A 479 22.52 2.91 -0.48
CA ASP A 479 21.52 1.95 -0.17
C ASP A 479 21.19 1.92 1.37
N ALA A 480 22.00 2.63 2.17
CA ALA A 480 21.96 2.58 3.67
C ALA A 480 21.66 3.92 4.40
N ASN A 481 21.89 5.01 3.66
CA ASN A 481 22.04 6.35 4.27
C ASN A 481 21.24 7.43 3.47
N ALA A 482 20.32 8.07 4.15
CA ALA A 482 19.64 9.18 3.58
C ALA A 482 19.19 10.15 4.70
N THR A 483 18.67 11.31 4.28
CA THR A 483 18.18 12.35 5.15
C THR A 483 16.93 12.91 4.57
N ALA A 484 15.96 13.17 5.42
CA ALA A 484 14.65 13.71 5.07
C ALA A 484 14.28 14.89 5.98
N THR A 485 13.48 15.79 5.44
CA THR A 485 12.84 16.78 6.31
C THR A 485 11.44 17.08 5.85
N MET A 486 10.76 17.76 6.76
CA MET A 486 9.38 18.14 6.53
C MET A 486 9.07 19.44 7.23
N ASP A 487 8.77 20.48 6.45
CA ASP A 487 8.42 21.81 6.93
C ASP A 487 6.94 21.79 7.37
N PHE A 488 6.76 21.41 8.66
CA PHE A 488 5.50 20.97 9.17
C PHE A 488 4.63 22.10 9.72
N THR A 489 3.41 22.12 9.19
CA THR A 489 2.27 22.88 9.65
C THR A 489 1.08 21.94 9.81
N ASN A 490 0.39 22.04 10.95
CA ASN A 490 -0.79 21.19 11.26
C ASN A 490 -2.07 21.70 10.58
N TRP A 491 -3.08 20.87 10.71
CA TRP A 491 -4.24 20.91 9.84
C TRP A 491 -5.08 22.20 9.97
N ASN A 492 -4.86 22.99 11.07
CA ASN A 492 -5.56 24.23 11.39
C ASN A 492 -4.60 25.42 11.74
N GLN A 493 -3.35 25.29 11.31
CA GLN A 493 -2.38 26.35 11.36
C GLN A 493 -2.24 26.96 12.75
N THR A 494 -2.32 26.09 13.78
CA THR A 494 -1.90 26.42 15.13
C THR A 494 -0.52 25.94 15.53
N LEU A 495 0.02 24.91 14.87
CA LEU A 495 1.33 24.34 15.27
C LEU A 495 2.24 24.21 14.12
N THR A 496 3.52 24.41 14.35
CA THR A 496 4.57 24.05 13.36
C THR A 496 5.66 23.23 14.00
N ALA A 497 6.50 22.68 13.13
CA ALA A 497 7.77 22.04 13.48
C ALA A 497 8.61 21.82 12.22
N HIS A 498 9.91 22.07 12.35
CA HIS A 498 10.96 21.56 11.51
C HIS A 498 11.31 20.10 11.90
N LYS A 499 10.64 19.11 11.23
CA LYS A 499 10.91 17.68 11.42
C LYS A 499 11.87 17.10 10.35
N SER A 500 12.86 16.35 10.82
CA SER A 500 13.91 15.80 9.97
C SER A 500 14.28 14.45 10.49
N TRP A 501 14.76 13.62 9.58
CA TRP A 501 15.06 12.26 9.86
C TRP A 501 16.35 11.91 9.22
N PHE A 502 17.18 11.20 9.97
CA PHE A 502 18.55 10.84 9.55
C PHE A 502 18.76 9.29 9.55
N MET A 503 18.61 8.77 8.34
CA MET A 503 18.69 7.33 8.03
C MET A 503 20.16 6.97 7.90
N LEU A 504 20.66 6.15 8.81
CA LEU A 504 22.09 5.91 8.93
C LEU A 504 22.39 4.43 9.13
N LYS A 505 21.86 3.65 8.20
CA LYS A 505 22.20 2.24 7.99
C LYS A 505 21.42 1.31 8.90
N ASP A 506 21.64 1.43 10.21
CA ASP A 506 21.03 0.58 11.27
C ASP A 506 20.26 1.36 12.42
N LYS A 507 19.91 2.60 12.08
CA LYS A 507 19.31 3.50 13.02
C LYS A 507 18.79 4.71 12.25
N ILE A 508 17.76 5.33 12.81
CA ILE A 508 17.24 6.60 12.36
C ILE A 508 17.12 7.62 13.49
N ALA A 509 17.64 8.81 13.20
CA ALA A 509 17.59 9.91 14.13
C ALA A 509 16.42 10.75 13.67
N PHE A 510 15.64 11.12 14.67
CA PHE A 510 14.49 12.06 14.64
C PHE A 510 14.82 13.40 15.36
N LEU A 511 14.93 14.47 14.58
CA LEU A 511 15.05 15.83 15.06
C LEU A 511 13.79 16.68 14.73
N GLY A 512 13.35 17.47 15.68
CA GLY A 512 12.34 18.49 15.50
C GLY A 512 12.85 19.74 16.20
N SER A 513 12.77 20.87 15.53
CA SER A 513 13.12 22.19 16.05
C SER A 513 11.96 23.13 15.75
N ASN A 514 12.02 24.32 16.38
CA ASN A 514 11.12 25.44 15.98
C ASN A 514 9.68 24.98 16.17
N ILE A 515 9.46 24.20 17.23
CA ILE A 515 8.13 23.80 17.64
C ILE A 515 7.36 24.95 18.28
N GLN A 516 6.27 25.28 17.62
CA GLN A 516 5.45 26.46 18.01
C GLN A 516 3.95 26.14 17.95
N ASN A 517 3.21 26.69 18.94
CA ASN A 517 1.77 26.44 19.14
C ASN A 517 1.06 27.72 19.58
N THR A 518 0.07 28.17 18.77
CA THR A 518 -0.79 29.35 19.06
C THR A 518 -2.17 29.03 19.60
N SER A 519 -2.58 27.76 19.58
CA SER A 519 -3.80 27.26 20.25
C SER A 519 -3.62 27.20 21.81
N THR A 520 -4.70 26.90 22.53
CA THR A 520 -4.68 26.53 23.98
C THR A 520 -4.53 25.03 24.21
N ASP A 521 -4.63 24.25 23.13
CA ASP A 521 -4.54 22.83 23.21
C ASP A 521 -3.11 22.40 23.55
N THR A 522 -2.92 21.38 24.39
CA THR A 522 -1.53 20.93 24.62
C THR A 522 -0.89 20.26 23.33
N ALA A 523 0.39 20.56 23.07
CA ALA A 523 1.21 19.90 22.06
C ALA A 523 2.24 18.87 22.59
N ALA A 524 2.46 17.86 21.76
CA ALA A 524 3.30 16.70 22.08
C ALA A 524 3.71 16.01 20.78
N THR A 525 4.83 15.30 20.79
CA THR A 525 5.22 14.45 19.73
C THR A 525 5.07 13.00 20.21
N THR A 526 4.35 12.16 19.49
CA THR A 526 4.32 10.75 19.84
C THR A 526 5.66 10.11 19.44
N ILE A 527 6.48 9.69 20.41
CA ILE A 527 7.76 8.93 20.05
C ILE A 527 7.47 7.50 19.44
N ASP A 528 6.42 6.88 19.94
CA ASP A 528 6.04 5.54 19.55
C ASP A 528 4.65 5.23 19.99
N GLN A 529 3.93 4.41 19.26
CA GLN A 529 2.70 3.78 19.75
C GLN A 529 2.79 2.41 19.11
N ARG A 530 3.40 1.47 19.85
CA ARG A 530 3.73 0.10 19.36
C ARG A 530 2.65 -0.90 19.84
N LYS A 531 2.04 -1.66 18.92
CA LYS A 531 1.08 -2.73 19.30
C LYS A 531 1.88 -3.98 19.81
N LEU A 532 1.40 -4.58 20.88
CA LEU A 532 2.10 -5.61 21.64
C LEU A 532 1.51 -7.04 21.40
N GLU A 533 2.28 -8.04 21.74
CA GLU A 533 1.85 -9.43 21.70
C GLU A 533 1.82 -9.91 23.17
N SER A 534 0.68 -10.39 23.66
CA SER A 534 0.67 -11.17 24.97
C SER A 534 1.76 -12.27 25.03
N SER A 535 1.99 -12.90 23.90
CA SER A 535 2.98 -13.96 23.83
C SER A 535 4.44 -13.51 23.88
N ASN A 536 4.75 -12.18 23.80
CA ASN A 536 6.16 -11.64 23.82
C ASN A 536 6.23 -10.30 24.56
N PRO A 537 6.20 -10.34 25.89
CA PRO A 537 6.27 -9.14 26.70
C PRO A 537 7.62 -8.43 26.62
N TYR A 538 7.55 -7.13 26.62
CA TYR A 538 8.74 -6.31 26.73
C TYR A 538 9.04 -6.05 28.21
N LYS A 539 10.30 -6.21 28.58
CA LYS A 539 10.84 -5.61 29.76
C LYS A 539 11.30 -4.18 29.35
N VAL A 540 10.90 -3.15 30.09
CA VAL A 540 11.10 -1.78 29.65
C VAL A 540 12.16 -1.15 30.56
N TYR A 541 13.12 -0.42 30.01
CA TYR A 541 14.21 0.19 30.78
C TYR A 541 14.21 1.67 30.51
N VAL A 542 14.41 2.47 31.56
CA VAL A 542 14.74 3.86 31.40
C VAL A 542 16.08 4.16 32.03
N ASN A 543 16.94 4.91 31.36
CA ASN A 543 18.34 5.01 31.70
C ASN A 543 19.00 3.69 32.22
N ASP A 544 18.52 2.51 31.74
CA ASP A 544 19.12 1.18 31.97
C ASP A 544 18.69 0.45 33.26
N LYS A 545 17.64 0.96 33.88
CA LYS A 545 17.00 0.41 35.07
C LYS A 545 15.57 0.01 34.68
N GLU A 546 15.10 -1.16 35.13
CA GLU A 546 13.75 -1.57 34.86
C GLU A 546 12.65 -0.55 35.35
N ALA A 547 11.66 -0.28 34.50
CA ALA A 547 10.44 0.50 34.82
C ALA A 547 9.26 -0.43 34.65
N SER A 548 8.10 -0.08 35.19
CA SER A 548 6.94 -0.91 34.96
C SER A 548 5.81 0.02 34.63
N LEU A 549 5.21 -0.27 33.50
CA LEU A 549 4.37 0.71 32.89
C LEU A 549 2.98 0.42 33.37
N THR A 550 2.11 1.41 33.36
CA THR A 550 0.74 1.27 33.83
C THR A 550 -0.21 1.84 32.80
N GLU A 551 -1.49 1.57 32.94
CA GLU A 551 -2.51 2.18 32.08
C GLU A 551 -2.36 3.66 32.12
N GLN A 552 -2.19 4.15 33.37
CA GLN A 552 -1.91 5.51 33.69
C GLN A 552 -0.52 5.85 33.27
N GLU A 553 -0.46 6.85 32.39
CA GLU A 553 0.72 7.71 32.05
C GLU A 553 1.64 8.07 33.23
N LYS A 554 2.95 7.79 33.12
CA LYS A 554 3.99 8.09 34.16
C LYS A 554 5.11 8.96 33.54
N ASP A 555 5.58 9.93 34.32
CA ASP A 555 6.51 10.89 33.80
C ASP A 555 7.91 10.36 34.07
N TYR A 556 8.80 10.57 33.12
CA TYR A 556 10.20 10.18 33.24
C TYR A 556 11.05 11.39 32.83
N PRO A 557 11.24 12.32 33.75
CA PRO A 557 12.05 13.51 33.45
C PRO A 557 13.55 13.07 33.45
N GLU A 558 14.47 13.92 33.02
CA GLU A 558 15.88 13.54 32.90
C GLU A 558 16.15 12.09 32.22
N THR A 559 15.46 11.79 31.11
CA THR A 559 15.62 10.54 30.26
C THR A 559 16.66 10.65 29.14
N GLN A 560 17.75 9.88 29.27
CA GLN A 560 18.72 9.67 28.17
C GLN A 560 18.38 8.46 27.26
N SER A 561 17.61 7.50 27.73
CA SER A 561 17.35 6.31 26.89
C SER A 561 16.16 5.59 27.37
N VAL A 562 15.47 4.98 26.46
CA VAL A 562 14.48 3.98 26.76
C VAL A 562 14.80 2.73 25.88
N PHE A 563 14.66 1.55 26.49
CA PHE A 563 14.96 0.30 25.85
C PHE A 563 13.84 -0.72 26.12
N LEU A 564 13.33 -1.27 25.03
CA LEU A 564 12.29 -2.25 24.98
C LEU A 564 12.94 -3.62 24.56
N GLU A 565 12.95 -4.55 25.54
CA GLU A 565 13.71 -5.78 25.54
C GLU A 565 12.73 -6.98 25.40
N SER A 566 12.77 -7.67 24.26
CA SER A 566 12.02 -8.89 24.07
C SER A 566 12.97 -10.10 24.34
N SER A 567 12.41 -11.30 24.49
CA SER A 567 13.22 -12.54 24.42
C SER A 567 13.82 -12.70 23.01
N ASP A 568 13.19 -12.12 22.01
CA ASP A 568 13.73 -12.05 20.63
C ASP A 568 14.42 -10.71 20.29
N SER A 569 15.73 -10.80 20.07
CA SER A 569 16.51 -9.68 19.59
C SER A 569 15.91 -8.83 18.40
N LYS A 570 15.22 -9.53 17.47
CA LYS A 570 14.61 -8.91 16.29
C LYS A 570 13.31 -8.09 16.52
N LYS A 571 12.89 -8.02 17.81
CA LYS A 571 11.74 -7.22 18.26
C LYS A 571 12.15 -6.08 19.17
N ASN A 572 13.45 -5.96 19.44
CA ASN A 572 13.95 -4.94 20.37
C ASN A 572 13.95 -3.57 19.74
N ILE A 573 13.68 -2.57 20.58
CA ILE A 573 13.58 -1.17 20.18
C ILE A 573 14.18 -0.27 21.25
N GLY A 574 15.21 0.40 20.81
CA GLY A 574 15.88 1.41 21.58
C GLY A 574 15.62 2.82 21.09
N TYR A 575 15.58 3.75 22.02
CA TYR A 575 15.40 5.13 21.78
C TYR A 575 16.47 5.85 22.64
N PHE A 576 17.45 6.42 21.94
CA PHE A 576 18.52 7.18 22.56
C PHE A 576 18.27 8.74 22.47
N PHE A 577 18.06 9.38 23.62
CA PHE A 577 17.93 10.87 23.66
C PHE A 577 19.27 11.68 23.76
N PHE A 578 19.63 12.44 22.70
CA PHE A 578 20.96 13.09 22.52
C PHE A 578 21.23 14.02 23.70
N LYS A 579 20.22 14.77 24.07
CA LYS A 579 20.09 15.53 25.28
C LYS A 579 19.01 14.86 26.13
N LYS A 580 19.28 14.70 27.43
CA LYS A 580 18.29 14.30 28.43
C LYS A 580 16.92 15.02 28.16
N SER A 581 15.82 14.26 28.01
CA SER A 581 14.54 14.81 27.60
C SER A 581 13.47 14.31 28.50
N SER A 582 12.40 15.12 28.58
CA SER A 582 11.28 14.88 29.52
C SER A 582 10.17 14.15 28.78
N ILE A 583 9.98 12.89 29.19
CA ILE A 583 9.06 12.02 28.46
C ILE A 583 8.03 11.39 29.35
N SER A 584 6.95 10.89 28.74
CA SER A 584 6.03 10.06 29.46
C SER A 584 5.67 8.77 28.70
N MET A 585 5.31 7.73 29.45
CA MET A 585 4.96 6.43 28.87
C MET A 585 3.85 5.71 29.61
N SER A 586 3.10 4.94 28.85
CA SER A 586 2.01 4.12 29.31
C SER A 586 1.89 2.80 28.44
N LYS A 587 1.11 1.82 28.94
CA LYS A 587 0.79 0.51 28.31
C LYS A 587 -0.65 0.15 28.71
N ALA A 588 -1.52 0.04 27.72
CA ALA A 588 -2.97 0.13 27.93
C ALA A 588 -3.71 -0.61 26.87
N LEU A 589 -4.85 -1.18 27.20
CA LEU A 589 -5.75 -1.89 26.26
C LEU A 589 -6.53 -0.90 25.49
N GLN A 590 -6.58 -1.06 24.19
CA GLN A 590 -7.26 -0.09 23.42
C GLN A 590 -8.32 -0.81 22.58
N LYS A 591 -9.52 -0.27 22.57
CA LYS A 591 -10.68 -0.90 21.93
C LYS A 591 -11.24 0.00 20.90
N GLY A 592 -11.73 -0.66 19.85
CA GLY A 592 -12.65 -0.11 18.90
C GLY A 592 -13.06 -1.09 17.79
N ALA A 593 -13.78 -0.61 16.82
CA ALA A 593 -14.27 -1.49 15.78
C ALA A 593 -13.88 -1.00 14.45
N TRP A 594 -13.73 -1.93 13.52
CA TRP A 594 -13.42 -1.56 12.13
C TRP A 594 -14.41 -0.57 11.57
N LYS A 595 -15.65 -0.73 11.98
CA LYS A 595 -16.71 0.18 11.56
C LYS A 595 -16.49 1.64 12.02
N ASP A 596 -15.87 1.82 13.16
CA ASP A 596 -15.47 3.13 13.63
C ASP A 596 -14.71 3.93 12.49
N ILE A 597 -13.91 3.24 11.67
CA ILE A 597 -13.04 3.85 10.65
C ILE A 597 -13.41 3.56 9.19
N ASN A 598 -14.27 2.58 8.94
CA ASN A 598 -14.84 2.33 7.58
C ASN A 598 -16.32 1.92 7.79
N GLU A 599 -17.22 2.87 7.52
CA GLU A 599 -18.70 2.61 7.61
C GLU A 599 -19.21 1.23 7.11
N GLY A 600 -18.71 0.74 5.95
CA GLY A 600 -19.05 -0.57 5.41
C GLY A 600 -18.45 -1.78 6.13
N GLN A 601 -17.76 -1.58 7.25
CA GLN A 601 -17.12 -2.68 7.95
C GLN A 601 -17.90 -3.14 9.16
N SER A 602 -17.48 -4.28 9.72
CA SER A 602 -18.08 -4.92 10.89
C SER A 602 -17.96 -4.07 12.18
N ASP A 603 -18.99 -4.10 13.06
CA ASP A 603 -19.02 -3.30 14.34
C ASP A 603 -18.56 -4.07 15.54
N LYS A 604 -18.15 -5.31 15.33
CA LYS A 604 -17.56 -6.13 16.39
C LYS A 604 -16.37 -5.44 17.13
N GLU A 605 -16.38 -5.45 18.46
CA GLU A 605 -15.28 -4.90 19.26
C GLU A 605 -13.96 -5.69 19.00
N VAL A 606 -12.88 -4.98 18.74
CA VAL A 606 -11.57 -5.57 18.62
C VAL A 606 -10.75 -4.92 19.71
N GLU A 607 -9.75 -5.61 20.21
CA GLU A 607 -8.85 -5.00 21.18
C GLU A 607 -7.35 -5.37 21.00
N ASN A 608 -6.45 -4.49 21.44
CA ASN A 608 -4.98 -4.74 21.51
C ASN A 608 -4.30 -3.81 22.53
N GLU A 609 -3.19 -4.27 23.02
CA GLU A 609 -2.40 -3.55 24.00
C GLU A 609 -1.37 -2.77 23.15
N PHE A 610 -1.08 -1.55 23.60
CA PHE A 610 -0.20 -0.61 22.94
C PHE A 610 0.65 0.04 24.03
N LEU A 611 1.89 0.38 23.70
CA LEU A 611 2.79 1.10 24.56
C LEU A 611 3.08 2.41 23.82
N THR A 612 2.88 3.49 24.57
CA THR A 612 2.92 4.85 24.03
C THR A 612 4.04 5.64 24.71
N ILE A 613 4.87 6.26 23.90
CA ILE A 613 5.96 7.16 24.38
C ILE A 613 5.66 8.51 23.72
N SER A 614 5.53 9.53 24.58
CA SER A 614 5.32 10.94 24.14
C SER A 614 6.26 11.88 24.84
N GLN A 615 6.49 13.02 24.17
CA GLN A 615 7.22 14.18 24.71
C GLN A 615 6.38 15.49 24.55
N ALA A 616 6.03 16.09 25.66
CA ALA A 616 5.21 17.30 25.68
C ALA A 616 6.07 18.43 25.18
N HIS A 617 5.46 19.32 24.42
CA HIS A 617 6.07 20.61 24.06
C HIS A 617 5.28 21.79 24.61
N LYS A 618 5.61 22.22 25.81
CA LYS A 618 4.89 23.34 26.44
C LYS A 618 5.37 24.78 26.04
N GLN A 619 6.57 25.00 25.55
CA GLN A 619 7.05 26.34 25.22
C GLN A 619 7.20 26.52 23.67
N ASN A 620 6.99 27.73 23.14
CA ASN A 620 7.45 27.98 21.79
C ASN A 620 9.00 27.88 21.69
N GLY A 621 9.44 27.44 20.52
CA GLY A 621 10.85 27.11 20.26
C GLY A 621 11.33 25.76 20.77
N ASP A 622 10.44 24.84 21.00
CA ASP A 622 10.80 23.60 21.65
C ASP A 622 11.48 22.64 20.68
N SER A 623 12.07 21.58 21.20
CA SER A 623 12.87 20.67 20.46
C SER A 623 12.72 19.27 20.93
N TYR A 624 12.96 18.31 19.98
CA TYR A 624 13.14 16.88 20.27
C TYR A 624 14.33 16.34 19.46
N GLY A 625 14.82 15.21 19.96
CA GLY A 625 16.11 14.76 19.58
C GLY A 625 16.38 13.40 20.09
N TYR A 626 16.16 12.39 19.23
CA TYR A 626 16.46 11.00 19.61
C TYR A 626 16.86 10.09 18.44
N MET A 627 17.52 8.98 18.78
CA MET A 627 18.04 7.96 17.78
C MET A 627 17.19 6.69 17.99
N LEU A 628 16.42 6.25 16.99
CA LEU A 628 15.82 4.94 16.98
C LEU A 628 16.80 3.84 16.53
N ILE A 629 17.06 2.90 17.42
CA ILE A 629 18.02 1.84 17.24
C ILE A 629 17.24 0.53 17.43
N PRO A 630 16.79 -0.04 16.31
CA PRO A 630 16.10 -1.33 16.32
C PRO A 630 17.03 -2.61 16.31
N ASN A 631 16.46 -3.75 16.64
CA ASN A 631 17.03 -5.11 16.41
C ASN A 631 18.43 -5.44 17.05
N VAL A 632 18.76 -4.84 18.18
CA VAL A 632 19.99 -5.10 18.98
C VAL A 632 19.64 -5.42 20.42
N ASP A 633 20.43 -6.30 21.01
CA ASP A 633 20.27 -6.65 22.42
C ASP A 633 20.71 -5.50 23.31
N ARG A 634 20.32 -5.53 24.58
CA ARG A 634 20.52 -4.39 25.49
C ARG A 634 21.96 -3.88 25.60
N ALA A 635 22.92 -4.84 25.58
CA ALA A 635 24.34 -4.57 25.82
C ALA A 635 24.89 -3.84 24.66
N THR A 636 24.50 -4.33 23.45
CA THR A 636 24.78 -3.62 22.19
C THR A 636 24.19 -2.19 22.05
N PHE A 637 22.90 -2.00 22.31
CA PHE A 637 22.32 -0.65 22.52
C PHE A 637 23.17 0.28 23.49
N ASN A 638 23.55 -0.26 24.66
CA ASN A 638 24.31 0.53 25.68
C ASN A 638 25.62 1.02 25.11
N GLN A 639 26.34 0.15 24.39
CA GLN A 639 27.55 0.51 23.62
C GLN A 639 27.30 1.52 22.54
N MET A 640 26.26 1.33 21.75
CA MET A 640 25.99 2.28 20.68
C MET A 640 25.65 3.69 21.23
N ILE A 641 24.92 3.80 22.33
CA ILE A 641 24.65 5.16 22.79
C ILE A 641 25.93 5.77 23.29
N LYS A 642 26.97 5.01 23.67
CA LYS A 642 28.28 5.60 23.95
C LYS A 642 29.04 6.07 22.70
N GLU A 643 29.05 5.27 21.62
CA GLU A 643 29.60 5.67 20.29
C GLU A 643 29.01 7.00 19.77
N LEU A 644 27.73 7.23 20.12
CA LEU A 644 26.87 8.24 19.50
C LEU A 644 26.70 9.46 20.40
N GLU A 645 27.36 9.41 21.57
CA GLU A 645 27.34 10.46 22.60
C GLU A 645 27.37 11.85 22.00
N SER A 646 28.21 12.03 21.00
CA SER A 646 28.39 13.31 20.35
C SER A 646 27.88 13.42 18.87
N SER A 647 27.02 12.49 18.46
CA SER A 647 26.53 12.41 17.10
C SER A 647 25.68 13.58 16.71
N LEU A 648 25.08 14.32 17.64
CA LEU A 648 24.17 15.39 17.30
C LEU A 648 25.03 16.59 17.02
N ILE A 649 25.01 17.08 15.79
CA ILE A 649 25.82 18.24 15.49
C ILE A 649 25.03 19.53 15.78
N GLU A 650 23.79 19.58 15.35
CA GLU A 650 22.96 20.77 15.52
C GLU A 650 21.51 20.35 15.39
N ASN A 651 20.67 21.07 16.09
CA ASN A 651 19.21 20.95 16.06
C ASN A 651 18.52 22.27 16.46
N ASN A 652 18.53 23.17 15.49
CA ASN A 652 17.91 24.47 15.64
C ASN A 652 17.00 24.83 14.48
N GLU A 653 16.47 26.05 14.53
CA GLU A 653 15.55 26.64 13.54
C GLU A 653 16.10 26.76 12.09
N THR A 654 17.40 26.73 11.86
CA THR A 654 17.94 26.81 10.48
C THR A 654 18.83 25.65 10.02
N LEU A 655 19.22 24.80 10.90
CA LEU A 655 20.16 23.77 10.64
C LEU A 655 19.97 22.57 11.67
N GLN A 656 19.89 21.40 11.08
CA GLN A 656 19.82 20.14 11.78
C GLN A 656 20.87 19.17 11.21
N SER A 657 21.62 18.52 12.11
CA SER A 657 22.60 17.56 11.68
C SER A 657 23.01 16.53 12.67
N VAL A 658 23.13 15.32 12.12
CA VAL A 658 23.67 14.13 12.80
C VAL A 658 24.90 13.51 12.06
N TYR A 659 25.81 12.98 12.86
CA TYR A 659 27.08 12.45 12.35
C TYR A 659 27.25 11.06 12.92
N ASP A 660 27.31 10.10 12.00
CA ASP A 660 27.77 8.73 12.26
C ASP A 660 29.33 8.59 12.14
N ALA A 661 30.10 8.66 13.26
CA ALA A 661 31.58 8.63 13.17
C ALA A 661 32.11 7.26 12.61
N LYS A 662 31.50 6.18 13.03
CA LYS A 662 31.81 4.85 12.53
C LYS A 662 31.72 4.83 10.93
N GLN A 663 30.78 5.55 10.29
CA GLN A 663 30.61 5.32 8.83
C GLN A 663 31.36 6.42 8.18
N GLY A 664 31.56 7.46 8.94
CA GLY A 664 31.98 8.72 8.32
C GLY A 664 30.89 9.36 7.47
N VAL A 665 29.66 9.44 7.98
CA VAL A 665 28.51 9.99 7.19
C VAL A 665 27.81 11.09 7.97
N TRP A 666 27.46 12.15 7.26
CA TRP A 666 26.64 13.24 7.82
C TRP A 666 25.30 13.28 7.12
N GLY A 667 24.21 13.38 7.86
CA GLY A 667 23.02 13.98 7.32
C GLY A 667 22.86 15.42 7.79
N ILE A 668 22.38 16.29 6.90
CA ILE A 668 22.20 17.69 7.19
C ILE A 668 20.94 18.30 6.52
N VAL A 669 20.19 19.08 7.24
CA VAL A 669 19.11 19.80 6.62
C VAL A 669 19.30 21.25 6.89
N LYS A 670 19.32 22.02 5.82
CA LYS A 670 19.39 23.50 5.90
C LYS A 670 18.10 24.21 5.49
N TYR A 671 17.55 25.08 6.34
CA TYR A 671 16.35 25.88 5.98
C TYR A 671 16.68 27.26 5.33
N ASP A 672 17.97 27.64 5.31
CA ASP A 672 18.37 28.95 4.72
C ASP A 672 19.69 28.80 3.94
N ASP A 673 20.00 29.87 3.22
CA ASP A 673 21.17 29.91 2.37
C ASP A 673 22.46 30.37 3.07
N SER A 674 22.53 30.36 4.39
CA SER A 674 23.79 30.64 5.07
C SER A 674 24.94 29.58 4.91
N VAL A 675 26.15 30.04 5.19
CA VAL A 675 27.32 29.19 5.27
C VAL A 675 27.35 28.43 6.65
N SER A 676 27.23 27.10 6.58
CA SER A 676 27.25 26.24 7.73
C SER A 676 28.53 25.49 7.64
N THR A 677 29.37 25.65 8.64
CA THR A 677 30.54 24.81 8.80
C THR A 677 30.20 23.65 9.74
N ILE A 678 30.61 22.49 9.30
CA ILE A 678 30.22 21.25 9.86
C ILE A 678 31.43 20.49 10.25
N SER A 679 31.55 20.14 11.54
CA SER A 679 32.64 19.31 12.11
C SER A 679 34.09 19.82 11.83
N ASN A 680 34.23 21.10 11.42
CA ASN A 680 35.52 21.67 10.98
C ASN A 680 36.18 20.96 9.74
N GLN A 681 35.37 20.43 8.84
CA GLN A 681 35.89 19.67 7.70
C GLN A 681 35.35 20.23 6.37
N PHE A 682 34.10 20.70 6.33
CA PHE A 682 33.50 21.23 5.10
C PHE A 682 32.41 22.18 5.43
N GLN A 683 32.00 22.95 4.46
CA GLN A 683 30.94 23.84 4.62
C GLN A 683 29.91 23.42 3.65
N VAL A 684 28.64 23.69 3.99
CA VAL A 684 27.49 23.49 3.09
C VAL A 684 26.70 24.85 2.96
N LEU A 685 26.15 25.11 1.73
CA LEU A 685 25.90 26.44 1.26
C LEU A 685 24.49 26.80 0.96
N LYS A 686 23.68 25.83 0.59
CA LYS A 686 22.32 26.10 0.15
C LYS A 686 21.26 25.40 1.04
N ARG A 687 20.10 26.07 1.08
CA ARG A 687 18.88 25.53 1.60
C ARG A 687 18.59 24.19 0.86
N GLY A 688 18.17 23.15 1.59
CA GLY A 688 17.99 21.80 1.10
C GLY A 688 18.55 20.69 2.03
N VAL A 689 18.71 19.49 1.44
CA VAL A 689 18.88 18.28 2.18
C VAL A 689 20.12 17.59 1.70
N TYR A 690 20.90 17.05 2.63
CA TYR A 690 22.28 16.60 2.36
C TYR A 690 22.55 15.27 3.06
N THR A 691 23.19 14.38 2.30
CA THR A 691 23.77 13.13 2.84
C THR A 691 25.20 13.04 2.16
N ILE A 692 26.21 12.93 3.05
CA ILE A 692 27.68 13.16 2.75
C ILE A 692 28.51 12.06 3.36
N ARG A 693 29.45 11.51 2.62
CA ARG A 693 30.31 10.51 3.14
C ARG A 693 31.73 10.92 2.89
N LYS A 694 32.55 10.88 3.93
CA LYS A 694 34.01 11.05 3.76
C LYS A 694 34.68 9.65 3.49
N GLU A 695 35.23 9.53 2.28
CA GLU A 695 36.07 8.39 1.91
C GLU A 695 37.54 8.91 1.86
N GLY A 696 38.32 8.61 2.91
CA GLY A 696 39.68 9.14 3.03
C GLY A 696 39.72 10.66 2.90
N ASP A 697 40.18 11.13 1.75
CA ASP A 697 40.26 12.57 1.53
C ASP A 697 39.24 13.15 0.55
N GLU A 698 38.37 12.33 -0.09
CA GLU A 698 37.12 12.86 -0.75
C GLU A 698 35.72 12.64 -0.09
N TYR A 699 34.78 13.37 -0.65
CA TYR A 699 33.41 13.44 -0.20
C TYR A 699 32.54 13.00 -1.36
N LYS A 700 31.68 12.04 -1.10
CA LYS A 700 30.53 11.75 -1.92
C LYS A 700 29.42 12.67 -1.38
N ILE A 701 28.62 13.24 -2.26
CA ILE A 701 27.61 14.26 -1.92
C ILE A 701 26.30 13.86 -2.53
N ALA A 702 25.26 13.88 -1.70
CA ALA A 702 23.86 13.76 -2.13
C ALA A 702 23.12 14.97 -1.62
N TYR A 703 23.00 15.97 -2.47
CA TYR A 703 22.17 17.12 -2.22
C TYR A 703 20.84 17.03 -3.00
N TYR A 704 19.77 17.33 -2.31
CA TYR A 704 18.45 17.46 -2.92
C TYR A 704 17.76 18.76 -2.44
N ASN A 705 17.26 19.53 -3.40
CA ASN A 705 16.38 20.68 -3.16
C ASN A 705 14.91 20.24 -3.40
N PRO A 706 14.17 20.10 -2.29
CA PRO A 706 12.81 19.52 -2.35
C PRO A 706 11.75 20.42 -2.99
N GLU A 707 11.92 21.72 -2.88
CA GLU A 707 11.02 22.73 -3.47
C GLU A 707 11.02 22.75 -4.99
N THR A 708 12.19 22.77 -5.54
CA THR A 708 12.33 22.67 -6.99
C THR A 708 12.43 21.24 -7.43
N GLN A 709 12.71 20.29 -6.52
CA GLN A 709 12.72 18.86 -6.85
C GLN A 709 13.88 18.60 -7.85
N GLU A 710 15.03 19.16 -7.52
CA GLU A 710 16.30 19.08 -8.26
C GLU A 710 17.48 18.92 -7.29
N SER A 711 18.50 18.22 -7.73
CA SER A 711 19.83 18.27 -7.13
C SER A 711 20.57 19.51 -7.64
N ALA A 712 21.89 19.51 -7.61
CA ALA A 712 22.62 20.72 -7.99
C ALA A 712 24.06 20.37 -8.19
N PRO A 713 24.78 21.11 -9.05
CA PRO A 713 26.24 20.96 -9.12
C PRO A 713 26.87 20.98 -7.73
N ASP A 714 27.87 20.16 -7.53
CA ASP A 714 28.54 20.08 -6.27
C ASP A 714 29.09 21.47 -5.81
N GLN A 715 29.69 22.29 -6.68
CA GLN A 715 30.36 23.53 -6.28
C GLN A 715 29.36 24.59 -5.74
N GLU A 716 28.07 24.53 -6.16
CA GLU A 716 27.02 25.47 -5.65
C GLU A 716 26.59 25.16 -4.21
N VAL A 717 26.77 23.93 -3.75
CA VAL A 717 26.34 23.51 -2.39
C VAL A 717 27.35 23.01 -1.36
N PHE A 718 28.52 22.63 -1.82
CA PHE A 718 29.56 22.05 -0.97
C PHE A 718 30.95 22.72 -1.21
N LYS A 719 31.75 22.90 -0.15
CA LYS A 719 33.15 23.34 -0.18
C LYS A 719 34.01 22.69 0.94
N LYS A 720 35.06 21.92 0.63
CA LYS A 720 36.05 21.48 1.68
C LYS A 720 36.64 22.68 2.49
N LEU A 721 36.79 22.58 3.81
CA LEU A 721 37.37 23.66 4.68
C LEU A 721 38.72 23.25 5.24
C1 NAG B . -13.35 11.84 -7.42
C2 NAG B . -14.22 10.55 -7.53
C3 NAG B . -13.29 9.36 -7.89
C4 NAG B . -12.58 9.65 -9.25
C5 NAG B . -11.72 10.98 -9.08
C6 NAG B . -10.97 11.36 -10.37
C7 NAG B . -16.23 10.71 -5.90
C8 NAG B . -16.61 10.31 -4.49
N2 NAG B . -14.93 10.30 -6.21
O1 NAG B . -14.16 12.95 -7.13
O3 NAG B . -14.07 8.14 -8.01
O4 NAG B . -11.69 8.56 -9.62
O5 NAG B . -12.61 12.12 -8.71
O6 NAG B . -9.80 10.58 -10.60
O7 NAG B . -17.00 11.33 -6.64
C1 BDP B . -13.65 7.11 -7.15
C2 BDP B . -14.83 6.29 -6.57
C3 BDP B . -14.25 5.19 -5.64
C4 BDP B . -13.34 4.28 -6.51
C5 BDP B . -12.09 5.05 -7.22
C6 BDP B . -11.22 4.37 -8.04
O2 BDP B . -15.69 7.18 -5.83
O3 BDP B . -15.35 4.43 -5.08
O4 BDP B . -12.67 3.17 -5.80
O5 BDP B . -12.73 6.27 -7.89
O6A BDP B . -10.22 5.02 -8.40
O6B BDP B . -11.55 3.18 -8.32
C1 NAG B . -13.27 1.92 -5.43
C2 NAG B . -12.19 1.00 -4.77
C3 NAG B . -12.85 -0.36 -4.40
C4 NAG B . -13.98 -0.14 -3.39
C5 NAG B . -15.05 0.83 -4.05
C6 NAG B . -16.19 1.15 -3.07
C7 NAG B . -9.73 0.89 -5.29
C8 NAG B . -8.74 0.67 -6.39
N2 NAG B . -11.06 0.82 -5.74
O3 NAG B . -11.84 -1.26 -3.86
O4 NAG B . -14.62 -1.38 -3.03
O5 NAG B . -14.42 2.13 -4.44
O6 NAG B . -15.73 1.62 -1.77
O7 NAG B . -9.39 1.11 -4.12
C1 BDP B . -11.69 -2.37 -4.73
C2 BDP B . -10.58 -3.37 -4.30
C3 BDP B . -10.55 -4.52 -5.36
C4 BDP B . -11.96 -5.22 -5.33
C5 BDP B . -13.22 -4.24 -5.68
C6 BDP B . -14.49 -4.71 -5.64
O2 BDP B . -9.29 -2.69 -4.28
O3 BDP B . -9.52 -5.48 -4.99
O4 BDP B . -12.24 -6.33 -6.26
O5 BDP B . -13.00 -3.02 -4.80
O6A BDP B . -15.24 -4.24 -6.54
O6B BDP B . -14.75 -5.53 -4.72
C1 NAG B . -11.47 -7.50 -6.49
C2 NAG B . -12.25 -8.38 -7.52
C3 NAG B . -11.44 -9.66 -7.82
C4 NAG B . -10.06 -9.23 -8.44
C5 NAG B . -9.28 -8.33 -7.37
C6 NAG B . -7.92 -7.81 -7.91
C7 NAG B . -13.74 -9.59 -5.78
C8 NAG B . -15.19 -9.80 -5.42
N2 NAG B . -13.60 -8.75 -6.93
O3 NAG B . -12.22 -10.46 -8.77
O4 NAG B . -9.22 -10.39 -8.71
O5 NAG B . -10.12 -7.13 -7.06
O6 NAG B . -7.57 -8.21 -9.25
O7 NAG B . -12.83 -10.11 -5.12
C1 GTR B . -12.08 -11.87 -8.77
C2 GTR B . -13.02 -12.44 -9.80
C3 GTR B . -12.76 -13.93 -9.76
C4 GTR B . -11.52 -14.72 -9.54
C5 GTR B . -10.56 -13.82 -9.22
C6 GTR B . -9.17 -13.99 -9.66
O2 GTR B . -14.36 -12.11 -9.46
O3 GTR B . -13.57 -14.49 -10.84
O4 GTR B . -11.24 -15.63 -10.00
O5 GTR B . -10.77 -12.30 -9.22
O6A GTR B . -8.33 -14.12 -8.72
O6B GTR B . -9.01 -13.97 -10.91
#